data_6NDX
#
_entry.id   6NDX
#
_cell.length_a   41.565
_cell.length_b   136.352
_cell.length_c   112.184
_cell.angle_alpha   90.00
_cell.angle_beta   96.53
_cell.angle_gamma   90.00
#
_symmetry.space_group_name_H-M   'P 1 21 1'
#
loop_
_entity.id
_entity.type
_entity.pdbx_description
1 polymer 'Flagellar hook protein FlgE'
2 polymer 'Flagellar hook protein FlgE'
3 water water
#
loop_
_entity_poly.entity_id
_entity_poly.type
_entity_poly.pdbx_seq_one_letter_code
_entity_poly.pdbx_strand_id
1 'polypeptide(L)'
;NTDLAIQGNGFFILKDGEKTFYTRAGAFGIDKEGTLVNPANGMRVQGWMAEEAEGFRIINTSGQTEDLNIPIGQKLDAKA
TTSVNYAANLDKRLPELPEGANRAQILESTWSTEFKVYDSFGEAHELQIDFARVPGEVNAWRATVNVDPTNADATATRVG
IGTTDGVQNSFIVRFDNNGHLASVTDTAGNVTSPAGQVLVQISYNVVGANPDEAGAPTRHTFDVNLGEIGTSKNTITQFS
DKSTTKAYEQDGYTLGYLENFRIDQSGIITGVYSNGVRQEIGQIAMAGFANQGGLEKAGQNTYVQSNNSGIANVSTSGTV
GKGYFIGGTLEMS
;
B,A
2 'polypeptide(L)'
;AKATTSVNYA(DAL)NLDKRLPELPEGANRAQILESTWSTEFKVYDSFGEAHELQIDFARVPGEVNAWRATVNVDPTNAD
ATATRVGIGTTDGVQNSFIVRFDNNGHLASVTDTAGNVTSPAGQVLVQISYNVVGANPDEAGAPTRHTFDVNLGEIGTSK
NTITQFSDKSTTKAYEQDGYT
;
C,D
#
# COMPACT_ATOMS: atom_id res chain seq x y z
N ASP A 67 -38.11 -14.37 -30.82
CA ASP A 67 -38.43 -13.72 -29.56
C ASP A 67 -37.46 -14.20 -28.48
N LEU A 68 -37.37 -13.46 -27.37
CA LEU A 68 -36.54 -13.83 -26.23
C LEU A 68 -37.34 -14.70 -25.28
N ASN A 69 -36.81 -15.88 -24.96
CA ASN A 69 -37.47 -16.82 -24.08
C ASN A 69 -36.69 -16.95 -22.77
N ILE A 70 -37.42 -17.10 -21.67
CA ILE A 70 -36.82 -17.19 -20.34
C ILE A 70 -37.40 -18.43 -19.65
N PRO A 71 -36.87 -19.62 -19.93
CA PRO A 71 -37.43 -20.84 -19.35
C PRO A 71 -37.13 -20.97 -17.88
N ILE A 72 -38.04 -21.61 -17.16
CA ILE A 72 -37.70 -21.91 -15.79
C ILE A 72 -36.65 -23.01 -15.82
N GLY A 73 -35.78 -23.02 -14.83
CA GLY A 73 -34.62 -23.88 -14.76
C GLY A 73 -33.51 -23.45 -15.69
N GLN A 74 -33.53 -22.19 -16.11
CA GLN A 74 -32.47 -21.65 -16.89
C GLN A 74 -31.26 -21.40 -15.99
N LYS A 75 -30.06 -21.46 -16.55
CA LYS A 75 -28.86 -21.42 -15.73
C LYS A 75 -28.38 -19.98 -15.59
N LEU A 76 -27.75 -19.69 -14.44
CA LEU A 76 -27.11 -18.40 -14.20
C LEU A 76 -25.66 -18.68 -13.82
N ASP A 77 -24.71 -18.37 -14.73
CA ASP A 77 -23.32 -18.75 -14.52
C ASP A 77 -22.82 -18.21 -13.18
N ALA A 78 -21.86 -18.90 -12.63
CA ALA A 78 -21.30 -18.49 -11.35
C ALA A 78 -20.52 -17.20 -11.54
N LYS A 79 -20.61 -16.32 -10.53
CA LYS A 79 -19.81 -15.11 -10.48
C LYS A 79 -18.70 -15.31 -9.46
N ALA A 80 -17.47 -15.19 -9.93
CA ALA A 80 -16.33 -15.26 -9.03
C ALA A 80 -16.28 -14.02 -8.15
N THR A 81 -15.89 -14.20 -6.90
CA THR A 81 -15.80 -13.05 -6.00
C THR A 81 -14.89 -12.00 -6.63
N THR A 82 -15.30 -10.74 -6.55
CA THR A 82 -14.38 -9.67 -6.85
C THR A 82 -14.07 -8.83 -5.63
N SER A 83 -15.00 -8.79 -4.67
CA SER A 83 -14.94 -7.90 -3.52
C SER A 83 -15.55 -8.59 -2.32
N VAL A 84 -14.82 -8.58 -1.21
CA VAL A 84 -15.33 -9.01 0.08
C VAL A 84 -15.30 -7.77 0.94
N ASN A 85 -16.34 -7.61 1.75
CA ASN A 85 -16.43 -6.54 2.72
C ASN A 85 -16.30 -7.25 4.06
N TYR A 86 -15.11 -7.18 4.64
CA TYR A 86 -14.87 -7.82 5.93
C TYR A 86 -14.61 -6.77 7.01
N ALA A 87 -15.07 -7.09 8.20
CA ALA A 87 -14.86 -6.26 9.37
C ALA A 87 -14.90 -7.18 10.58
N ALA A 88 -14.03 -6.92 11.53
CA ALA A 88 -13.98 -7.72 12.74
C ALA A 88 -13.32 -6.88 13.81
N ASN A 89 -13.43 -7.33 15.05
CA ASN A 89 -12.74 -6.70 16.15
C ASN A 89 -11.75 -7.70 16.74
N LEU A 90 -10.51 -7.26 16.89
CA LEU A 90 -9.47 -8.00 17.60
C LEU A 90 -9.43 -7.56 19.05
N ASP A 91 -9.49 -8.52 19.95
CA ASP A 91 -9.40 -8.26 21.38
C ASP A 91 -8.09 -7.53 21.71
N LYS A 92 -8.19 -6.37 22.37
CA LYS A 92 -6.97 -5.69 22.78
C LYS A 92 -6.46 -6.22 24.12
N ARG A 93 -7.34 -6.76 24.93
CA ARG A 93 -6.90 -7.33 26.19
C ARG A 93 -6.16 -8.67 26.03
N LEU A 94 -5.79 -9.02 24.80
CA LEU A 94 -4.84 -10.10 24.59
C LEU A 94 -3.44 -9.65 25.01
N PRO A 95 -2.65 -10.52 25.65
CA PRO A 95 -1.34 -10.09 26.16
C PRO A 95 -0.43 -9.70 25.01
N GLU A 96 0.50 -8.79 25.28
CA GLU A 96 1.43 -8.45 24.22
C GLU A 96 2.55 -9.50 24.12
N LEU A 97 3.28 -9.44 23.01
CA LEU A 97 4.37 -10.37 22.73
C LEU A 97 5.73 -9.72 22.94
N PRO A 98 6.54 -10.21 23.90
CA PRO A 98 7.94 -9.78 23.97
C PRO A 98 8.63 -10.13 22.66
N GLU A 99 9.67 -9.35 22.35
CA GLU A 99 10.27 -9.38 21.02
C GLU A 99 10.90 -10.71 20.62
N GLY A 100 10.73 -11.76 21.40
CA GLY A 100 11.30 -13.03 20.99
C GLY A 100 10.58 -14.27 21.50
N ALA A 101 9.27 -14.35 21.34
CA ALA A 101 8.55 -15.39 22.07
C ALA A 101 8.61 -16.72 21.32
N ASN A 102 8.10 -17.76 21.98
CA ASN A 102 8.06 -19.09 21.40
C ASN A 102 6.68 -19.33 20.81
N ARG A 103 6.51 -20.52 20.21
CA ARG A 103 5.34 -20.77 19.39
C ARG A 103 4.07 -20.92 20.22
N ALA A 104 4.20 -21.21 21.52
CA ALA A 104 3.02 -21.21 22.39
C ALA A 104 2.60 -19.82 22.79
N GLN A 105 3.54 -18.88 22.84
CA GLN A 105 3.17 -17.55 23.26
C GLN A 105 2.67 -16.67 22.13
N ILE A 106 3.14 -16.89 20.90
CA ILE A 106 2.47 -16.24 19.79
C ILE A 106 1.06 -16.79 19.65
N LEU A 107 0.85 -18.07 20.01
CA LEU A 107 -0.47 -18.68 19.94
C LEU A 107 -1.46 -18.03 20.90
N GLU A 108 -1.03 -17.72 22.11
CA GLU A 108 -2.03 -17.19 23.02
C GLU A 108 -2.31 -15.73 22.73
N SER A 109 -1.60 -15.14 21.79
CA SER A 109 -1.81 -13.76 21.38
C SER A 109 -2.04 -13.69 19.87
N THR A 110 -2.77 -14.69 19.34
CA THR A 110 -3.24 -14.69 17.96
C THR A 110 -4.68 -15.18 17.90
N TRP A 111 -5.41 -14.70 16.88
CA TRP A 111 -6.82 -15.05 16.66
C TRP A 111 -7.08 -15.27 15.18
N SER A 112 -7.59 -16.44 14.84
CA SER A 112 -7.75 -16.82 13.45
C SER A 112 -9.24 -16.93 13.09
N THR A 113 -9.53 -16.84 11.80
CA THR A 113 -10.91 -16.90 11.33
C THR A 113 -10.92 -17.30 9.85
N GLU A 114 -12.12 -17.52 9.34
CA GLU A 114 -12.29 -18.12 8.02
C GLU A 114 -13.58 -17.61 7.39
N PHE A 115 -13.50 -17.33 6.11
CA PHE A 115 -14.70 -17.00 5.36
C PHE A 115 -14.51 -17.46 3.93
N LYS A 116 -15.62 -17.55 3.22
CA LYS A 116 -15.60 -18.16 1.91
C LYS A 116 -15.35 -17.13 0.82
N VAL A 117 -14.67 -17.57 -0.23
CA VAL A 117 -14.75 -16.85 -1.49
C VAL A 117 -15.00 -17.85 -2.60
N TYR A 118 -15.33 -17.31 -3.79
CA TYR A 118 -15.78 -18.13 -4.90
C TYR A 118 -14.91 -17.87 -6.12
N ASP A 119 -14.45 -18.93 -6.75
CA ASP A 119 -13.73 -18.81 -8.01
C ASP A 119 -14.74 -18.79 -9.15
N SER A 120 -14.25 -18.79 -10.37
CA SER A 120 -15.15 -18.65 -11.48
C SER A 120 -15.88 -19.94 -11.83
N PHE A 121 -15.51 -21.05 -11.24
CA PHE A 121 -16.35 -22.22 -11.41
C PHE A 121 -17.46 -22.29 -10.36
N GLY A 122 -17.53 -21.31 -9.47
CA GLY A 122 -18.43 -21.41 -8.34
C GLY A 122 -17.91 -22.27 -7.22
N GLU A 123 -16.68 -22.77 -7.31
CA GLU A 123 -16.13 -23.49 -6.18
C GLU A 123 -15.87 -22.49 -5.03
N ALA A 124 -16.39 -22.81 -3.84
CA ALA A 124 -16.07 -22.06 -2.63
C ALA A 124 -14.68 -22.46 -2.16
N HIS A 125 -13.84 -21.47 -1.92
CA HIS A 125 -12.54 -21.68 -1.30
C HIS A 125 -12.58 -21.02 0.06
N GLU A 126 -12.11 -21.71 1.08
CA GLU A 126 -12.09 -21.09 2.40
C GLU A 126 -10.83 -20.25 2.49
N LEU A 127 -11.00 -18.99 2.77
CA LEU A 127 -9.89 -18.06 2.96
C LEU A 127 -9.70 -17.92 4.46
N GLN A 128 -8.49 -18.22 4.93
CA GLN A 128 -8.16 -18.22 6.34
C GLN A 128 -7.19 -17.10 6.64
N ILE A 129 -7.46 -16.39 7.73
CA ILE A 129 -6.67 -15.26 8.21
C ILE A 129 -6.28 -15.54 9.66
N ASP A 130 -4.99 -15.47 9.97
CA ASP A 130 -4.53 -15.57 11.36
C ASP A 130 -4.10 -14.19 11.83
N PHE A 131 -4.79 -13.63 12.84
CA PHE A 131 -4.40 -12.31 13.39
C PHE A 131 -3.48 -12.49 14.60
N ALA A 132 -2.17 -12.38 14.38
CA ALA A 132 -1.16 -12.51 15.42
C ALA A 132 -0.58 -11.16 15.79
N ARG A 133 -0.25 -11.00 17.08
CA ARG A 133 0.29 -9.74 17.61
C ARG A 133 1.71 -9.53 17.12
N VAL A 134 2.02 -8.31 16.68
CA VAL A 134 3.41 -8.03 16.31
C VAL A 134 4.31 -8.12 17.55
N PRO A 135 5.46 -8.79 17.47
CA PRO A 135 6.33 -8.90 18.65
C PRO A 135 6.84 -7.54 19.10
N GLY A 136 6.64 -7.25 20.39
CA GLY A 136 7.21 -6.08 21.00
C GLY A 136 6.39 -4.85 20.70
N GLU A 137 6.19 -4.57 19.41
CA GLU A 137 5.43 -3.40 19.02
C GLU A 137 3.96 -3.59 19.40
N VAL A 138 3.33 -2.54 19.87
CA VAL A 138 1.95 -2.63 20.31
C VAL A 138 1.02 -1.96 19.30
N ASN A 139 -0.28 -2.29 19.40
CA ASN A 139 -1.35 -1.81 18.53
C ASN A 139 -1.12 -2.21 17.09
N ALA A 140 -0.34 -3.26 16.91
CA ALA A 140 0.07 -3.75 15.61
C ALA A 140 -0.23 -5.23 15.61
N TRP A 141 -0.92 -5.69 14.58
CA TRP A 141 -1.15 -7.12 14.41
C TRP A 141 -0.67 -7.53 13.02
N ARG A 142 -0.29 -8.79 12.89
CA ARG A 142 0.13 -9.34 11.62
C ARG A 142 -0.90 -10.37 11.15
N ALA A 143 -1.32 -10.23 9.91
CA ALA A 143 -2.40 -11.02 9.33
C ALA A 143 -1.80 -11.90 8.26
N THR A 144 -1.62 -13.17 8.56
CA THR A 144 -1.13 -14.12 7.57
C THR A 144 -2.35 -14.72 6.89
N VAL A 145 -2.44 -14.52 5.55
CA VAL A 145 -3.58 -14.90 4.72
C VAL A 145 -3.24 -16.17 3.97
N ASN A 146 -4.23 -17.05 3.81
CA ASN A 146 -4.02 -18.31 3.08
C ASN A 146 -5.34 -18.80 2.50
N VAL A 147 -5.47 -18.82 1.18
CA VAL A 147 -6.60 -19.46 0.53
C VAL A 147 -6.40 -20.98 0.52
N ASP A 148 -7.38 -21.71 1.05
CA ASP A 148 -7.31 -23.17 1.10
C ASP A 148 -6.16 -23.60 1.98
N PRO A 149 -6.31 -23.53 3.30
CA PRO A 149 -5.14 -23.69 4.14
C PRO A 149 -4.55 -25.09 4.07
N THR A 150 -5.34 -26.15 3.88
CA THR A 150 -4.74 -27.48 3.81
C THR A 150 -3.87 -27.66 2.57
N ASN A 151 -4.10 -26.86 1.54
CA ASN A 151 -3.27 -26.88 0.35
C ASN A 151 -2.63 -25.52 0.13
N ALA A 152 -2.20 -24.88 1.21
CA ALA A 152 -1.74 -23.49 1.11
C ALA A 152 -0.50 -23.33 0.25
N ASP A 153 0.26 -24.41 0.02
CA ASP A 153 1.51 -24.24 -0.72
C ASP A 153 1.25 -24.19 -2.22
N ALA A 154 0.31 -25.00 -2.70
CA ALA A 154 0.04 -25.01 -4.14
C ALA A 154 -0.77 -23.79 -4.58
N THR A 155 -1.66 -23.26 -3.72
CA THR A 155 -2.46 -22.10 -4.12
C THR A 155 -1.62 -20.82 -4.05
N ALA A 156 -0.59 -20.80 -3.21
CA ALA A 156 0.38 -19.72 -3.16
C ALA A 156 -0.29 -18.35 -3.07
N THR A 157 -0.85 -18.05 -1.90
CA THR A 157 -1.55 -16.78 -1.72
C THR A 157 -0.54 -15.64 -1.58
N ARG A 158 -0.92 -14.47 -2.08
CA ARG A 158 -0.08 -13.29 -1.93
C ARG A 158 -0.98 -12.07 -1.71
N VAL A 159 -0.71 -11.30 -0.66
CA VAL A 159 -1.56 -10.18 -0.25
C VAL A 159 -0.74 -8.88 -0.15
N GLY A 160 -1.00 -7.93 -1.06
CA GLY A 160 -0.35 -6.65 -1.06
C GLY A 160 -1.36 -5.51 -1.09
N ILE A 161 -0.83 -4.28 -1.16
CA ILE A 161 -1.60 -3.06 -1.32
C ILE A 161 -1.18 -2.47 -2.65
N GLY A 162 -2.14 -2.29 -3.57
CA GLY A 162 -1.83 -1.90 -4.92
C GLY A 162 -1.32 -2.99 -5.84
N THR A 163 -0.77 -4.07 -5.31
CA THR A 163 -0.32 -5.17 -6.16
C THR A 163 -0.48 -6.49 -5.43
N THR A 164 -0.07 -7.54 -6.13
CA THR A 164 0.08 -8.85 -5.54
C THR A 164 1.31 -9.53 -6.12
N ASP A 165 2.03 -8.88 -7.03
CA ASP A 165 3.28 -9.40 -7.56
C ASP A 165 4.45 -8.99 -6.67
N GLY A 166 5.29 -9.96 -6.32
CA GLY A 166 6.51 -9.71 -5.57
C GLY A 166 6.28 -9.37 -4.11
N VAL A 167 5.16 -9.82 -3.55
CA VAL A 167 4.85 -9.66 -2.13
C VAL A 167 4.50 -11.03 -1.57
N GLN A 168 4.57 -11.12 -0.25
CA GLN A 168 4.27 -12.34 0.49
C GLN A 168 2.83 -12.31 1.00
N ASN A 169 2.36 -13.45 1.52
CA ASN A 169 0.97 -13.56 1.95
C ASN A 169 0.86 -13.10 3.41
N SER A 170 1.14 -11.82 3.62
CA SER A 170 0.99 -11.28 4.96
C SER A 170 0.99 -9.77 4.89
N PHE A 171 0.46 -9.16 5.94
CA PHE A 171 0.41 -7.71 6.04
C PHE A 171 0.22 -7.33 7.51
N ILE A 172 0.59 -6.11 7.84
CA ILE A 172 0.47 -5.65 9.20
C ILE A 172 -0.55 -4.53 9.23
N VAL A 173 -1.35 -4.47 10.29
CA VAL A 173 -2.47 -3.54 10.38
C VAL A 173 -2.35 -2.83 11.71
N ARG A 174 -2.05 -1.53 11.66
CA ARG A 174 -1.86 -0.74 12.88
C ARG A 174 -3.14 -0.05 13.29
N PHE A 175 -3.38 0.02 14.59
CA PHE A 175 -4.61 0.60 15.09
C PHE A 175 -4.40 1.98 15.70
N ASP A 176 -5.34 2.89 15.38
CA ASP A 176 -5.50 4.21 15.99
C ASP A 176 -5.54 4.09 17.50
N ASN A 177 -5.11 5.14 18.20
CA ASN A 177 -5.06 5.09 19.65
C ASN A 177 -6.46 4.89 20.26
N ASN A 178 -7.51 5.27 19.53
CA ASN A 178 -8.87 5.03 19.99
C ASN A 178 -9.40 3.64 19.65
N GLY A 179 -8.71 2.87 18.84
CA GLY A 179 -9.20 1.58 18.40
C GLY A 179 -9.42 1.44 16.91
N HIS A 180 -9.68 2.55 16.21
CA HIS A 180 -10.04 2.54 14.79
C HIS A 180 -8.85 2.16 13.92
N LEU A 181 -9.16 1.63 12.74
CA LEU A 181 -8.10 1.22 11.81
C LEU A 181 -7.24 2.40 11.38
N ALA A 182 -5.94 2.35 11.71
CA ALA A 182 -5.02 3.42 11.34
C ALA A 182 -4.42 3.21 9.95
N SER A 183 -3.86 2.04 9.69
CA SER A 183 -3.08 1.86 8.48
C SER A 183 -2.76 0.39 8.30
N VAL A 184 -2.33 0.04 7.09
CA VAL A 184 -2.01 -1.32 6.71
C VAL A 184 -0.83 -1.25 5.75
N THR A 185 0.19 -2.07 5.99
CA THR A 185 1.48 -2.03 5.31
C THR A 185 1.73 -3.45 4.90
N ASP A 186 2.21 -3.66 3.68
CA ASP A 186 2.47 -5.05 3.30
C ASP A 186 3.94 -5.38 3.56
N THR A 187 4.47 -6.44 2.95
CA THR A 187 5.88 -6.72 3.14
C THR A 187 6.76 -6.02 2.12
N ALA A 188 6.20 -5.56 1.01
CA ALA A 188 6.98 -4.89 -0.02
C ALA A 188 7.29 -3.45 0.35
N GLY A 189 6.53 -2.87 1.29
CA GLY A 189 6.67 -1.49 1.70
C GLY A 189 5.46 -0.65 1.37
N ASN A 190 4.60 -1.15 0.48
CA ASN A 190 3.34 -0.51 0.13
C ASN A 190 2.47 -0.29 1.36
N VAL A 191 2.22 0.97 1.66
CA VAL A 191 1.39 1.38 2.78
C VAL A 191 0.12 2.02 2.23
N THR A 192 -0.95 1.98 3.02
CA THR A 192 -2.14 2.75 2.70
C THR A 192 -1.83 4.23 2.57
N SER A 193 -2.86 5.02 2.39
CA SER A 193 -2.83 6.47 2.50
C SER A 193 -3.42 6.87 3.85
N PRO A 194 -3.21 8.10 4.30
CA PRO A 194 -3.56 8.39 5.70
C PRO A 194 -5.04 8.30 5.98
N ALA A 195 -5.89 8.54 4.99
CA ALA A 195 -7.32 8.41 5.22
C ALA A 195 -7.95 7.64 4.08
N GLY A 196 -9.28 7.47 4.14
CA GLY A 196 -10.04 6.77 3.14
C GLY A 196 -10.26 5.29 3.46
N GLN A 197 -11.05 4.64 2.60
CA GLN A 197 -11.28 3.21 2.78
C GLN A 197 -10.03 2.44 2.37
N VAL A 198 -9.71 1.38 3.12
CA VAL A 198 -8.53 0.56 2.86
C VAL A 198 -8.93 -0.68 2.07
N LEU A 199 -8.25 -0.94 0.97
CA LEU A 199 -8.52 -2.13 0.17
C LEU A 199 -7.26 -2.96 0.11
N VAL A 200 -7.40 -4.26 0.37
CA VAL A 200 -6.28 -5.18 0.40
C VAL A 200 -6.46 -6.13 -0.77
N GLN A 201 -5.51 -6.12 -1.70
CA GLN A 201 -5.57 -7.00 -2.85
C GLN A 201 -5.07 -8.37 -2.41
N ILE A 202 -5.83 -9.42 -2.76
CA ILE A 202 -5.51 -10.80 -2.43
C ILE A 202 -5.53 -11.66 -3.69
N SER A 203 -4.55 -12.54 -3.82
CA SER A 203 -4.40 -13.37 -5.01
C SER A 203 -4.01 -14.78 -4.63
N TYR A 204 -4.36 -15.74 -5.49
CA TYR A 204 -3.94 -17.12 -5.29
C TYR A 204 -4.14 -17.92 -6.57
N ASN A 205 -3.63 -19.15 -6.57
CA ASN A 205 -3.82 -20.02 -7.70
C ASN A 205 -5.16 -20.75 -7.61
N VAL A 206 -5.97 -20.63 -8.65
CA VAL A 206 -7.15 -21.48 -8.82
C VAL A 206 -6.64 -22.81 -9.34
N VAL A 207 -6.62 -23.82 -8.45
CA VAL A 207 -5.97 -25.08 -8.78
C VAL A 207 -6.61 -25.72 -10.01
N GLY A 208 -7.93 -25.67 -10.10
CA GLY A 208 -8.64 -26.35 -11.17
C GLY A 208 -8.77 -25.57 -12.45
N ALA A 209 -8.07 -24.46 -12.60
CA ALA A 209 -8.26 -23.67 -13.81
C ALA A 209 -7.23 -24.02 -14.89
N ASN A 210 -7.68 -23.93 -16.14
CA ASN A 210 -6.78 -24.09 -17.27
C ASN A 210 -5.79 -22.95 -17.23
N PRO A 211 -4.56 -23.18 -17.68
CA PRO A 211 -3.57 -22.10 -17.70
C PRO A 211 -3.94 -21.02 -18.70
N ASP A 212 -3.21 -19.91 -18.66
CA ASP A 212 -3.54 -18.81 -19.59
C ASP A 212 -2.89 -19.01 -20.97
N GLU A 213 -2.79 -17.92 -21.74
CA GLU A 213 -2.15 -17.99 -23.05
C GLU A 213 -0.66 -18.27 -22.93
N ALA A 214 0.00 -17.72 -21.92
CA ALA A 214 1.44 -17.89 -21.79
C ALA A 214 1.80 -19.23 -21.16
N GLY A 215 0.90 -19.84 -20.40
CA GLY A 215 1.21 -21.06 -19.66
C GLY A 215 1.07 -20.99 -18.15
N ALA A 216 0.90 -19.80 -17.56
CA ALA A 216 0.82 -19.64 -16.10
C ALA A 216 -0.43 -20.30 -15.52
N PRO A 217 -0.35 -20.81 -14.28
CA PRO A 217 -1.47 -21.59 -13.72
C PRO A 217 -2.80 -20.87 -13.46
N THR A 218 -2.98 -19.64 -13.98
CA THR A 218 -4.20 -18.83 -13.80
C THR A 218 -4.49 -18.47 -12.35
N ARG A 219 -4.73 -17.19 -12.09
CA ARG A 219 -5.01 -16.77 -10.74
C ARG A 219 -6.31 -15.99 -10.66
N HIS A 220 -6.89 -16.02 -9.48
CA HIS A 220 -8.12 -15.30 -9.15
C HIS A 220 -7.72 -14.16 -8.25
N THR A 221 -8.11 -12.93 -8.60
CA THR A 221 -7.72 -11.74 -7.84
C THR A 221 -8.92 -10.92 -7.38
N PHE A 222 -8.93 -10.55 -6.11
CA PHE A 222 -10.05 -9.80 -5.57
C PHE A 222 -9.55 -8.94 -4.42
N ASP A 223 -10.40 -8.03 -3.94
CA ASP A 223 -10.05 -7.06 -2.92
C ASP A 223 -10.80 -7.33 -1.62
N VAL A 224 -10.20 -6.92 -0.50
CA VAL A 224 -10.81 -7.03 0.81
C VAL A 224 -10.92 -5.62 1.38
N ASN A 225 -12.14 -5.22 1.69
CA ASN A 225 -12.46 -3.87 2.14
C ASN A 225 -12.59 -3.95 3.64
N LEU A 226 -11.56 -3.49 4.34
CA LEU A 226 -11.57 -3.62 5.79
C LEU A 226 -12.36 -2.49 6.43
N GLY A 227 -12.53 -1.38 5.71
CA GLY A 227 -13.29 -0.24 6.13
C GLY A 227 -12.56 1.01 5.71
N GLU A 228 -12.92 2.13 6.34
CA GLU A 228 -12.21 3.38 6.11
C GLU A 228 -11.53 3.80 7.42
N ILE A 229 -10.40 4.46 7.26
CA ILE A 229 -9.48 4.76 8.34
C ILE A 229 -10.16 5.67 9.34
N GLY A 230 -10.23 5.23 10.59
CA GLY A 230 -10.75 6.07 11.65
C GLY A 230 -12.20 5.87 12.05
N THR A 231 -12.88 4.86 11.50
CA THR A 231 -14.27 4.59 11.90
C THR A 231 -14.46 3.17 12.40
N SER A 232 -15.72 2.78 12.60
CA SER A 232 -16.03 1.39 12.92
C SER A 232 -17.17 0.87 12.06
N LYS A 233 -18.12 0.19 12.71
CA LYS A 233 -19.38 -0.26 12.11
C LYS A 233 -19.11 -1.18 10.93
N ASN A 234 -18.56 -0.60 9.86
CA ASN A 234 -18.19 -1.34 8.67
C ASN A 234 -16.67 -1.42 8.51
N THR A 235 -15.93 -1.09 9.55
CA THR A 235 -14.47 -1.17 9.54
C THR A 235 -14.00 -2.08 10.68
N ILE A 236 -12.84 -2.71 10.44
CA ILE A 236 -12.16 -3.51 11.46
C ILE A 236 -11.74 -2.64 12.65
N THR A 237 -11.76 -3.22 13.84
CA THR A 237 -11.47 -2.48 15.07
C THR A 237 -10.56 -3.27 16.02
N GLN A 238 -9.94 -2.54 16.96
CA GLN A 238 -9.27 -3.16 18.11
C GLN A 238 -9.80 -2.49 19.38
N PHE A 239 -11.08 -2.70 19.63
CA PHE A 239 -11.67 -2.30 20.88
C PHE A 239 -11.30 -3.35 21.90
N SER A 240 -11.65 -3.13 23.17
CA SER A 240 -11.09 -3.98 24.23
C SER A 240 -11.64 -5.40 24.12
N ASP A 241 -12.33 -5.88 25.14
CA ASP A 241 -12.75 -7.27 25.06
C ASP A 241 -13.72 -7.47 23.89
N LYS A 242 -14.01 -8.75 23.60
CA LYS A 242 -14.76 -9.27 22.46
C LYS A 242 -13.83 -9.43 21.25
N SER A 243 -13.77 -10.63 20.67
CA SER A 243 -13.03 -10.83 19.42
C SER A 243 -13.83 -11.77 18.50
N THR A 244 -14.38 -11.24 17.43
CA THR A 244 -15.25 -12.00 16.54
C THR A 244 -15.26 -11.32 15.17
N THR A 245 -16.08 -11.85 14.25
CA THR A 245 -16.25 -11.22 12.95
C THR A 245 -17.52 -10.39 13.05
N LYS A 246 -17.46 -9.15 12.57
CA LYS A 246 -18.62 -8.28 12.54
C LYS A 246 -19.45 -8.50 11.29
N ALA A 247 -18.87 -8.22 10.13
CA ALA A 247 -19.57 -8.10 8.86
C ALA A 247 -18.89 -8.96 7.81
N TYR A 248 -19.68 -9.66 6.99
CA TYR A 248 -19.12 -10.41 5.87
C TYR A 248 -20.06 -10.33 4.66
N GLU A 249 -19.69 -9.55 3.66
CA GLU A 249 -20.51 -9.44 2.46
C GLU A 249 -19.56 -9.65 1.29
N GLN A 250 -19.75 -10.74 0.55
CA GLN A 250 -18.98 -10.93 -0.65
C GLN A 250 -19.92 -11.08 -1.83
N ASP A 251 -19.47 -10.69 -3.01
CA ASP A 251 -20.36 -10.48 -4.12
C ASP A 251 -20.37 -11.65 -5.09
N GLY A 252 -19.57 -12.68 -4.86
CA GLY A 252 -19.58 -13.86 -5.70
C GLY A 252 -20.74 -14.81 -5.39
N TYR A 253 -20.92 -15.78 -6.28
CA TYR A 253 -21.89 -16.86 -6.05
C TYR A 253 -21.65 -18.01 -7.02
N THR A 254 -22.27 -19.15 -6.70
CA THR A 254 -22.14 -20.39 -7.42
C THR A 254 -23.17 -20.45 -8.54
N LEU A 255 -23.14 -21.54 -9.32
CA LEU A 255 -24.13 -21.71 -10.36
C LEU A 255 -25.52 -21.67 -9.73
N GLY A 256 -26.49 -21.15 -10.49
CA GLY A 256 -27.87 -21.06 -10.04
C GLY A 256 -28.80 -21.33 -11.19
N TYR A 257 -30.05 -21.71 -10.84
CA TYR A 257 -31.09 -22.06 -11.80
C TYR A 257 -32.30 -21.16 -11.61
N LEU A 258 -32.96 -20.73 -12.69
CA LEU A 258 -34.16 -19.90 -12.54
C LEU A 258 -35.30 -20.71 -11.91
N GLU A 259 -35.85 -20.23 -10.80
CA GLU A 259 -36.89 -20.96 -10.07
C GLU A 259 -38.30 -20.43 -10.29
N ASN A 260 -38.52 -19.12 -10.26
CA ASN A 260 -39.84 -18.54 -10.45
C ASN A 260 -39.66 -17.04 -10.60
N PHE A 261 -40.71 -16.35 -11.02
CA PHE A 261 -40.70 -14.90 -11.14
C PHE A 261 -41.50 -14.25 -10.02
N ARG A 262 -41.12 -13.03 -9.68
CA ARG A 262 -41.77 -12.30 -8.59
C ARG A 262 -42.03 -10.88 -9.01
N ILE A 263 -43.24 -10.42 -8.75
CA ILE A 263 -43.60 -9.03 -9.03
C ILE A 263 -43.93 -8.31 -7.72
N ASP A 264 -43.64 -7.04 -7.81
CA ASP A 264 -43.21 -5.94 -6.98
C ASP A 264 -44.25 -4.82 -7.02
N GLN A 265 -44.46 -4.14 -5.89
CA GLN A 265 -45.28 -2.93 -5.88
C GLN A 265 -44.78 -1.80 -6.78
N SER A 266 -44.58 -2.06 -8.07
CA SER A 266 -44.00 -1.07 -8.98
C SER A 266 -44.23 -1.52 -10.42
N GLY A 267 -44.39 -2.82 -10.59
CA GLY A 267 -44.38 -3.42 -11.89
C GLY A 267 -43.08 -4.10 -12.28
N ILE A 268 -42.08 -4.10 -11.39
CA ILE A 268 -40.75 -4.65 -11.68
C ILE A 268 -40.80 -6.17 -11.48
N ILE A 269 -40.69 -6.89 -12.59
CA ILE A 269 -40.71 -8.34 -12.61
C ILE A 269 -39.27 -8.81 -12.49
N THR A 270 -38.97 -9.57 -11.43
CA THR A 270 -37.66 -10.16 -11.23
C THR A 270 -37.75 -11.67 -11.32
N GLY A 271 -36.65 -12.28 -11.76
CA GLY A 271 -36.48 -13.73 -11.71
C GLY A 271 -35.61 -14.10 -10.51
N VAL A 272 -35.99 -15.14 -9.82
CA VAL A 272 -35.22 -15.63 -8.70
C VAL A 272 -34.54 -16.94 -9.08
N TYR A 273 -33.28 -17.08 -8.67
CA TYR A 273 -32.50 -18.24 -9.01
C TYR A 273 -32.22 -19.03 -7.74
N SER A 274 -31.78 -20.27 -7.93
CA SER A 274 -31.64 -21.22 -6.82
C SER A 274 -30.53 -20.83 -5.85
N ASN A 275 -29.56 -20.04 -6.29
CA ASN A 275 -28.53 -19.47 -5.44
C ASN A 275 -28.94 -18.11 -4.93
N GLY A 276 -30.24 -17.84 -4.89
CA GLY A 276 -30.79 -16.61 -4.33
C GLY A 276 -30.30 -15.31 -4.95
N VAL A 277 -30.16 -15.26 -6.28
CA VAL A 277 -29.55 -14.07 -6.89
C VAL A 277 -30.55 -12.98 -7.32
N ARG A 278 -31.74 -13.31 -7.77
CA ARG A 278 -32.71 -12.24 -8.08
C ARG A 278 -32.26 -11.22 -9.12
N GLN A 279 -32.54 -11.46 -10.40
CA GLN A 279 -32.21 -10.59 -11.51
C GLN A 279 -33.51 -9.95 -11.99
N GLU A 280 -33.43 -8.76 -12.57
CA GLU A 280 -34.64 -8.14 -13.09
C GLU A 280 -34.74 -8.28 -14.61
N ILE A 281 -35.95 -8.10 -15.12
CA ILE A 281 -36.11 -8.09 -16.56
C ILE A 281 -36.68 -6.74 -16.98
N GLY A 282 -37.85 -6.39 -16.45
CA GLY A 282 -38.47 -5.12 -16.79
C GLY A 282 -39.69 -4.90 -15.93
N GLN A 283 -40.31 -3.74 -16.12
CA GLN A 283 -41.48 -3.31 -15.37
C GLN A 283 -42.67 -3.00 -16.27
N ILE A 284 -43.84 -2.86 -15.64
CA ILE A 284 -45.10 -2.54 -16.34
C ILE A 284 -45.29 -1.03 -16.49
N ASN B 69 27.15 4.42 -8.61
CA ASN B 69 27.91 4.99 -7.49
C ASN B 69 27.31 6.33 -7.14
N ILE B 70 27.46 6.73 -5.88
CA ILE B 70 26.83 7.95 -5.35
C ILE B 70 27.84 8.88 -4.72
N PRO B 71 27.47 10.11 -4.38
CA PRO B 71 28.39 10.98 -3.63
C PRO B 71 28.48 10.53 -2.19
N ILE B 72 29.66 10.72 -1.60
CA ILE B 72 29.88 10.39 -0.20
C ILE B 72 30.33 11.63 0.57
N GLY B 73 29.77 11.79 1.77
CA GLY B 73 30.23 12.76 2.76
C GLY B 73 30.02 14.23 2.51
N GLN B 74 28.94 14.63 1.84
CA GLN B 74 28.80 16.06 1.54
C GLN B 74 28.28 16.90 2.70
N LYS B 75 27.19 16.54 3.36
CA LYS B 75 26.51 17.60 4.11
C LYS B 75 26.78 17.66 5.62
N LEU B 76 26.50 16.59 6.38
CA LEU B 76 26.62 16.56 7.87
C LEU B 76 25.62 17.41 8.67
N ASP B 77 24.59 16.76 9.26
CA ASP B 77 23.50 17.48 9.90
C ASP B 77 23.96 18.36 11.06
N ALA B 78 23.13 19.35 11.38
CA ALA B 78 23.36 20.22 12.53
C ALA B 78 23.04 19.47 13.83
N LYS B 79 23.81 19.77 14.88
CA LYS B 79 23.56 19.25 16.23
C LYS B 79 23.05 20.37 17.10
N ALA B 80 21.90 20.18 17.75
CA ALA B 80 21.44 21.16 18.72
C ALA B 80 22.24 21.09 20.04
N THR B 81 22.42 22.28 20.65
CA THR B 81 23.17 22.37 21.92
C THR B 81 22.56 21.49 23.00
N THR B 82 23.42 20.76 23.72
CA THR B 82 23.00 20.00 24.89
C THR B 82 23.62 20.47 26.20
N SER B 83 24.78 21.12 26.15
CA SER B 83 25.58 21.51 27.31
C SER B 83 26.26 22.84 27.02
N VAL B 84 26.20 23.78 27.94
CA VAL B 84 27.01 25.00 27.82
C VAL B 84 27.89 25.12 29.05
N ASN B 85 29.13 25.55 28.85
CA ASN B 85 30.07 25.80 29.93
C ASN B 85 30.45 27.27 29.94
N TYR B 86 29.84 28.03 30.84
CA TYR B 86 30.06 29.46 31.04
C TYR B 86 30.64 29.68 32.43
N ALA B 87 31.33 30.82 32.61
CA ALA B 87 31.79 31.17 33.96
C ALA B 87 31.71 32.68 34.16
N ALA B 88 32.79 33.35 34.60
CA ALA B 88 32.97 34.80 34.81
C ALA B 88 32.83 35.36 36.22
N ASN B 89 33.41 36.57 36.39
CA ASN B 89 33.17 37.55 37.45
C ASN B 89 33.18 38.92 36.79
N LEU B 90 34.33 39.63 36.89
CA LEU B 90 34.72 40.83 36.16
C LEU B 90 35.97 41.47 36.77
N ASP B 91 35.98 41.65 38.09
CA ASP B 91 37.12 42.18 38.83
C ASP B 91 36.90 41.99 40.33
N LYS B 92 37.89 41.37 41.01
CA LYS B 92 37.81 41.06 42.44
C LYS B 92 36.61 40.15 42.65
N ARG B 93 35.44 40.77 42.75
CA ARG B 93 34.15 40.12 42.86
C ARG B 93 33.08 41.20 42.88
N LEU B 94 33.53 42.42 42.58
CA LEU B 94 32.73 43.60 42.26
C LEU B 94 32.06 44.17 43.50
N PRO B 95 32.04 45.51 43.62
CA PRO B 95 31.42 46.12 44.80
C PRO B 95 30.30 47.09 44.44
N GLU B 96 29.09 46.78 44.91
CA GLU B 96 27.92 47.66 44.85
C GLU B 96 26.80 46.98 45.61
N LEU B 97 25.79 47.79 46.07
CA LEU B 97 24.64 47.28 46.82
C LEU B 97 23.48 48.28 46.76
N PRO B 98 22.28 47.90 46.17
CA PRO B 98 21.10 48.80 46.17
C PRO B 98 19.83 48.13 46.74
N GLU B 99 18.81 48.85 47.28
CA GLU B 99 17.65 48.14 47.82
C GLU B 99 16.46 48.95 47.32
N GLY B 100 15.53 48.37 46.55
CA GLY B 100 14.35 49.11 46.10
C GLY B 100 14.49 50.43 45.36
N ALA B 101 15.36 50.44 44.35
CA ALA B 101 15.81 51.60 43.58
C ALA B 101 15.10 51.73 42.22
N ASN B 102 15.56 52.74 41.46
CA ASN B 102 15.10 53.09 40.12
C ASN B 102 15.93 52.35 39.02
N ARG B 103 15.47 52.50 37.73
CA ARG B 103 15.87 51.61 36.63
C ARG B 103 17.30 52.04 36.22
N ALA B 104 17.68 53.27 36.57
CA ALA B 104 19.06 53.76 36.44
C ALA B 104 19.98 53.26 37.56
N GLN B 105 19.46 53.02 38.76
CA GLN B 105 20.29 52.53 39.85
C GLN B 105 20.40 51.02 39.84
N ILE B 106 19.37 50.33 39.38
CA ILE B 106 19.54 48.91 39.09
C ILE B 106 20.45 48.75 37.89
N LEU B 107 20.43 49.72 36.98
CA LEU B 107 21.30 49.63 35.80
C LEU B 107 22.76 49.62 36.20
N GLU B 108 23.13 50.48 37.14
CA GLU B 108 24.51 50.67 37.56
C GLU B 108 25.00 49.58 38.51
N SER B 109 24.16 48.64 38.90
CA SER B 109 24.57 47.55 39.78
C SER B 109 24.25 46.21 39.14
N THR B 110 24.32 46.13 37.81
CA THR B 110 24.26 44.86 37.12
C THR B 110 25.12 44.86 35.86
N TRP B 111 25.50 43.65 35.45
CA TRP B 111 26.38 43.40 34.32
C TRP B 111 25.75 42.26 33.54
N SER B 112 25.59 42.47 32.23
CA SER B 112 24.95 41.53 31.35
C SER B 112 25.96 40.93 30.36
N THR B 113 25.59 39.80 29.76
CA THR B 113 26.48 39.10 28.85
C THR B 113 25.64 38.29 27.87
N GLU B 114 26.32 37.66 26.92
CA GLU B 114 25.69 37.01 25.78
C GLU B 114 26.53 35.83 25.34
N PHE B 115 25.86 34.71 25.06
CA PHE B 115 26.50 33.65 24.30
C PHE B 115 25.42 32.92 23.52
N LYS B 116 25.83 32.29 22.40
CA LYS B 116 24.91 31.66 21.47
C LYS B 116 24.73 30.18 21.79
N VAL B 117 23.55 29.65 21.47
CA VAL B 117 23.37 28.20 21.36
C VAL B 117 22.61 27.88 20.09
N TYR B 118 22.47 26.58 19.82
CA TYR B 118 21.99 26.08 18.54
C TYR B 118 20.78 25.17 18.69
N ASP B 119 19.71 25.44 17.93
CA ASP B 119 18.53 24.59 17.95
C ASP B 119 18.68 23.41 16.97
N SER B 120 17.65 22.58 16.84
CA SER B 120 17.84 21.41 15.98
C SER B 120 17.77 21.73 14.49
N PHE B 121 17.40 22.96 14.11
CA PHE B 121 17.66 23.40 12.74
C PHE B 121 19.06 23.98 12.58
N GLY B 122 19.86 24.05 13.67
CA GLY B 122 21.14 24.71 13.61
C GLY B 122 21.08 26.22 13.66
N GLU B 123 19.93 26.81 13.93
CA GLU B 123 19.82 28.26 14.09
C GLU B 123 20.49 28.71 15.38
N ALA B 124 21.32 29.75 15.27
CA ALA B 124 21.87 30.33 16.48
C ALA B 124 20.78 31.13 17.16
N HIS B 125 20.57 30.86 18.43
CA HIS B 125 19.77 31.71 19.28
C HIS B 125 20.70 32.30 20.34
N GLU B 126 20.65 33.61 20.50
CA GLU B 126 21.46 34.25 21.53
C GLU B 126 20.72 34.18 22.86
N LEU B 127 21.40 33.67 23.86
CA LEU B 127 20.92 33.64 25.23
C LEU B 127 21.51 34.83 25.98
N GLN B 128 20.66 35.61 26.62
CA GLN B 128 21.08 36.82 27.33
C GLN B 128 20.90 36.66 28.83
N ILE B 129 21.91 37.09 29.59
CA ILE B 129 21.86 37.02 31.06
C ILE B 129 22.10 38.41 31.64
N ASP B 130 21.15 38.87 32.45
CA ASP B 130 21.26 40.12 33.18
C ASP B 130 21.59 39.72 34.61
N PHE B 131 22.80 40.05 35.06
CA PHE B 131 23.28 39.73 36.42
C PHE B 131 23.16 40.96 37.35
N ALA B 132 22.02 41.07 38.03
CA ALA B 132 21.73 42.18 38.94
C ALA B 132 21.72 41.73 40.39
N ARG B 133 22.18 42.63 41.28
CA ARG B 133 22.26 42.33 42.71
C ARG B 133 20.87 42.25 43.35
N VAL B 134 20.64 41.21 44.18
CA VAL B 134 19.35 41.16 44.89
C VAL B 134 19.26 42.37 45.82
N PRO B 135 18.07 43.03 45.95
CA PRO B 135 17.98 44.25 46.77
C PRO B 135 18.80 44.16 48.05
N GLY B 136 20.10 44.35 47.84
CA GLY B 136 21.04 44.55 48.90
C GLY B 136 21.68 43.52 49.75
N GLU B 137 20.90 42.60 50.31
CA GLU B 137 21.46 41.70 51.30
C GLU B 137 22.61 40.92 50.70
N VAL B 138 23.72 40.89 51.46
CA VAL B 138 24.97 40.21 51.14
C VAL B 138 25.35 40.32 49.66
N ASN B 139 26.11 39.33 49.19
CA ASN B 139 26.51 39.19 47.80
C ASN B 139 25.47 38.28 47.15
N ALA B 140 24.68 38.81 46.22
CA ALA B 140 23.52 38.03 45.85
C ALA B 140 23.30 37.79 44.35
N TRP B 141 23.12 38.84 43.57
CA TRP B 141 23.05 38.70 42.11
C TRP B 141 21.90 37.84 41.57
N ARG B 142 20.97 38.46 40.88
CA ARG B 142 19.85 37.76 40.26
C ARG B 142 20.09 37.77 38.76
N ALA B 143 19.99 36.60 38.14
CA ALA B 143 20.32 36.41 36.74
C ALA B 143 19.01 36.18 36.01
N THR B 144 18.56 37.19 35.27
CA THR B 144 17.34 37.08 34.48
C THR B 144 17.69 36.61 33.07
N VAL B 145 17.16 35.46 32.68
CA VAL B 145 17.49 34.81 31.42
C VAL B 145 16.44 35.14 30.37
N ASN B 146 16.90 35.25 29.12
CA ASN B 146 16.00 35.47 27.99
C ASN B 146 16.68 34.91 26.74
N VAL B 147 16.15 33.79 26.24
CA VAL B 147 16.58 33.22 24.96
C VAL B 147 16.00 34.08 23.83
N ASP B 148 16.86 34.59 22.96
CA ASP B 148 16.43 35.47 21.88
C ASP B 148 15.82 36.74 22.45
N PRO B 149 16.63 37.71 22.91
CA PRO B 149 16.08 38.80 23.74
C PRO B 149 15.07 39.67 23.04
N THR B 150 15.21 39.85 21.71
CA THR B 150 14.30 40.73 20.97
C THR B 150 12.90 40.14 20.85
N ASN B 151 12.77 38.81 20.94
CA ASN B 151 11.49 38.12 20.93
C ASN B 151 11.32 37.40 22.25
N ALA B 152 11.70 38.09 23.33
CA ALA B 152 11.79 37.44 24.62
C ALA B 152 10.45 36.93 25.10
N ASP B 153 9.34 37.47 24.58
CA ASP B 153 8.01 37.06 24.99
C ASP B 153 7.55 35.76 24.33
N ALA B 154 7.93 35.55 23.05
CA ALA B 154 7.51 34.39 22.28
C ALA B 154 8.26 33.10 22.68
N THR B 155 9.50 33.24 23.12
CA THR B 155 10.33 32.08 23.44
C THR B 155 9.93 31.40 24.74
N ALA B 156 9.35 32.17 25.68
CA ALA B 156 8.87 31.67 26.96
C ALA B 156 9.94 30.83 27.67
N THR B 157 10.96 31.56 28.12
CA THR B 157 12.12 30.95 28.73
C THR B 157 11.78 30.44 30.11
N ARG B 158 12.46 29.37 30.50
CA ARG B 158 12.27 28.79 31.81
C ARG B 158 13.63 28.37 32.33
N VAL B 159 13.91 28.71 33.59
CA VAL B 159 15.14 28.34 34.28
C VAL B 159 14.73 27.58 35.53
N GLY B 160 14.98 26.28 35.54
CA GLY B 160 14.73 25.47 36.72
C GLY B 160 16.00 24.72 37.11
N ILE B 161 15.88 23.95 38.20
CA ILE B 161 16.98 23.10 38.65
C ILE B 161 16.50 21.67 38.78
N GLY B 162 17.12 20.78 38.00
CA GLY B 162 16.66 19.41 37.87
C GLY B 162 15.44 19.30 36.98
N THR B 163 14.70 20.40 36.83
CA THR B 163 13.50 20.43 36.01
C THR B 163 13.40 21.81 35.38
N THR B 164 12.33 21.99 34.62
CA THR B 164 11.98 23.27 34.02
C THR B 164 10.48 23.49 34.04
N ASP B 165 9.73 22.65 34.75
CA ASP B 165 8.28 22.79 34.87
C ASP B 165 7.91 23.89 35.84
N GLY B 166 7.06 24.81 35.40
CA GLY B 166 6.43 25.74 36.30
C GLY B 166 7.37 26.76 36.91
N VAL B 167 8.46 27.09 36.25
CA VAL B 167 9.37 28.06 36.81
C VAL B 167 9.44 29.27 35.89
N GLN B 168 9.84 30.38 36.47
CA GLN B 168 9.99 31.64 35.75
C GLN B 168 11.47 31.83 35.43
N ASN B 169 11.76 32.80 34.56
CA ASN B 169 13.06 32.88 33.89
C ASN B 169 14.09 33.74 34.64
N SER B 170 14.51 33.28 35.82
CA SER B 170 15.63 33.94 36.51
C SER B 170 16.08 33.07 37.67
N PHE B 171 17.28 33.38 38.19
CA PHE B 171 17.86 32.69 39.34
C PHE B 171 18.92 33.60 39.96
N ILE B 172 19.25 33.32 41.23
CA ILE B 172 20.19 34.09 42.03
C ILE B 172 21.41 33.23 42.37
N VAL B 173 22.52 33.89 42.76
CA VAL B 173 23.76 33.17 43.05
C VAL B 173 24.43 33.65 44.36
N ARG B 174 24.62 32.70 45.31
CA ARG B 174 25.13 32.80 46.70
C ARG B 174 26.65 32.83 46.92
N PHE B 175 27.43 33.75 46.34
CA PHE B 175 28.88 33.58 46.54
C PHE B 175 29.31 33.76 48.00
N ASP B 176 30.10 32.80 48.52
CA ASP B 176 30.64 32.92 49.87
C ASP B 176 32.15 32.74 49.96
N ASN B 177 32.61 32.17 51.09
CA ASN B 177 33.90 32.48 51.73
C ASN B 177 34.55 33.74 51.12
N ASN B 178 33.97 34.89 51.48
CA ASN B 178 34.36 36.27 51.12
C ASN B 178 34.60 36.41 49.62
N GLY B 179 33.82 35.69 48.81
CA GLY B 179 34.00 35.75 47.37
C GLY B 179 34.25 34.43 46.68
N HIS B 180 33.67 34.27 45.48
CA HIS B 180 33.77 33.07 44.66
C HIS B 180 33.05 31.86 45.27
N LEU B 181 33.58 30.66 45.02
CA LEU B 181 33.10 29.38 45.55
C LEU B 181 31.67 29.00 45.12
N ALA B 182 31.26 27.78 45.49
CA ALA B 182 29.98 27.19 45.13
C ALA B 182 28.84 27.78 45.97
N SER B 183 27.63 27.64 45.43
CA SER B 183 26.48 28.37 45.95
C SER B 183 25.18 27.97 45.26
N VAL B 184 24.55 26.90 45.72
CA VAL B 184 23.41 26.31 45.00
C VAL B 184 22.16 27.20 45.21
N THR B 185 21.53 27.63 44.10
CA THR B 185 20.52 28.69 44.18
C THR B 185 19.51 28.61 43.02
N ASP B 186 18.24 28.95 43.28
CA ASP B 186 17.20 29.01 42.24
C ASP B 186 16.14 30.09 42.38
N THR B 187 14.99 29.82 41.71
CA THR B 187 13.65 30.37 41.95
C THR B 187 12.59 29.27 41.99
N ALA B 188 12.94 28.04 41.62
CA ALA B 188 11.97 26.99 41.36
C ALA B 188 11.35 26.38 42.61
N GLY B 189 12.06 26.42 43.74
CA GLY B 189 11.58 25.83 44.97
C GLY B 189 12.43 24.71 45.54
N ASN B 190 13.35 24.12 44.76
CA ASN B 190 14.25 23.12 45.36
C ASN B 190 15.62 23.23 44.69
N VAL B 191 16.61 23.76 45.41
CA VAL B 191 18.00 23.66 45.02
C VAL B 191 18.81 23.08 46.15
N THR B 192 19.46 21.96 45.88
CA THR B 192 20.52 21.42 46.69
C THR B 192 21.63 21.07 45.71
N SER B 193 22.75 20.55 46.24
CA SER B 193 23.95 20.00 45.61
C SER B 193 25.13 20.74 46.21
N PRO B 194 25.35 20.59 47.52
CA PRO B 194 26.26 21.52 48.23
C PRO B 194 27.72 21.42 47.79
N ALA B 195 28.15 20.28 47.26
CA ALA B 195 29.55 20.06 46.94
C ALA B 195 29.79 19.89 45.44
N GLY B 196 29.06 18.99 44.80
CA GLY B 196 29.23 18.71 43.39
C GLY B 196 28.95 19.88 42.47
N GLN B 197 29.10 19.67 41.17
CA GLN B 197 28.81 20.69 40.17
C GLN B 197 27.30 20.87 39.97
N VAL B 198 26.94 22.10 39.65
CA VAL B 198 25.55 22.53 39.47
C VAL B 198 25.15 22.46 37.99
N LEU B 199 23.97 21.90 37.73
CA LEU B 199 23.40 21.80 36.38
C LEU B 199 22.08 22.56 36.35
N VAL B 200 21.93 23.45 35.37
CA VAL B 200 20.76 24.32 35.24
C VAL B 200 20.02 24.04 33.93
N GLN B 201 18.78 23.56 34.01
CA GLN B 201 17.99 23.28 32.81
C GLN B 201 17.39 24.56 32.28
N ILE B 202 17.51 24.76 30.97
CA ILE B 202 16.94 25.90 30.30
C ILE B 202 16.01 25.39 29.22
N SER B 203 14.89 26.06 29.04
CA SER B 203 13.93 25.68 28.03
C SER B 203 13.49 26.96 27.33
N TYR B 204 13.08 26.81 26.09
CA TYR B 204 12.45 27.92 25.40
C TYR B 204 11.68 27.34 24.24
N ASN B 205 10.77 28.14 23.70
CA ASN B 205 9.99 27.70 22.55
C ASN B 205 10.82 27.92 21.30
N VAL B 206 11.01 26.85 20.52
CA VAL B 206 11.67 26.97 19.22
C VAL B 206 10.66 27.49 18.20
N VAL B 207 10.70 28.79 17.96
CA VAL B 207 9.78 29.40 17.01
C VAL B 207 10.08 28.88 15.61
N GLY B 208 9.05 28.50 14.87
CA GLY B 208 9.28 27.93 13.57
C GLY B 208 9.45 26.43 13.55
N ALA B 209 9.24 25.78 14.69
CA ALA B 209 9.34 24.33 14.83
C ALA B 209 7.94 23.76 14.73
N ASN B 210 7.86 22.52 14.27
CA ASN B 210 6.58 21.84 14.20
C ASN B 210 6.08 21.47 15.59
N PRO B 211 4.77 21.47 15.81
CA PRO B 211 4.23 21.06 17.11
C PRO B 211 4.38 19.55 17.32
N ASP B 212 4.04 19.10 18.53
CA ASP B 212 4.13 17.70 18.96
C ASP B 212 2.93 16.88 18.52
N GLU B 213 2.59 15.89 19.35
CA GLU B 213 1.36 15.12 19.19
C GLU B 213 0.12 16.00 19.24
N ALA B 214 -0.31 16.46 18.04
CA ALA B 214 -1.42 17.40 17.84
C ALA B 214 -1.59 18.29 19.07
N GLY B 215 -0.46 18.69 19.68
CA GLY B 215 -0.46 19.37 20.96
C GLY B 215 0.49 20.53 21.11
N ALA B 216 1.08 20.64 22.30
CA ALA B 216 1.87 21.80 22.67
C ALA B 216 3.08 21.96 21.76
N PRO B 217 3.56 23.18 21.54
CA PRO B 217 4.71 23.38 20.64
C PRO B 217 5.94 22.68 21.19
N THR B 218 6.99 22.63 20.36
CA THR B 218 8.24 22.00 20.74
C THR B 218 9.12 23.01 21.45
N ARG B 219 9.82 22.54 22.48
CA ARG B 219 10.75 23.36 23.23
C ARG B 219 12.13 22.70 23.22
N HIS B 220 13.17 23.53 23.33
CA HIS B 220 14.56 23.10 23.38
C HIS B 220 15.04 23.20 24.82
N THR B 221 15.61 22.10 25.32
CA THR B 221 16.05 22.02 26.70
C THR B 221 17.52 21.59 26.74
N PHE B 222 18.31 22.28 27.58
CA PHE B 222 19.74 22.01 27.69
C PHE B 222 20.23 22.44 29.07
N ASP B 223 21.51 22.13 29.37
CA ASP B 223 22.14 22.41 30.65
C ASP B 223 23.27 23.42 30.52
N VAL B 224 23.44 24.21 31.59
CA VAL B 224 24.54 25.16 31.78
C VAL B 224 25.23 24.79 33.08
N ASN B 225 26.56 24.64 33.06
CA ASN B 225 27.24 24.01 34.19
C ASN B 225 27.81 24.96 35.24
N LEU B 226 29.04 24.68 35.70
CA LEU B 226 29.65 25.40 36.83
C LEU B 226 30.22 26.74 36.39
N GLY B 227 31.46 27.01 36.77
CA GLY B 227 32.12 28.24 36.40
C GLY B 227 33.04 28.72 37.49
N GLU B 228 33.38 30.01 37.37
CA GLU B 228 34.31 30.71 38.27
C GLU B 228 35.73 30.17 38.08
N THR B 244 32.93 37.87 29.79
CA THR B 244 34.17 38.23 30.47
C THR B 244 34.92 36.99 30.95
N THR B 245 34.55 35.85 30.40
CA THR B 245 35.01 34.57 30.90
C THR B 245 36.09 33.90 30.06
N LYS B 246 36.84 33.03 30.76
CA LYS B 246 37.77 32.05 30.21
C LYS B 246 37.03 30.86 29.61
N ALA B 247 35.72 30.76 29.85
CA ALA B 247 34.96 29.55 29.54
C ALA B 247 33.68 29.86 28.76
N TYR B 248 33.60 29.33 27.52
CA TYR B 248 32.33 29.24 26.77
C TYR B 248 32.47 28.07 25.79
N GLU B 249 31.94 26.90 26.17
CA GLU B 249 32.07 25.70 25.35
C GLU B 249 30.72 24.97 25.28
N GLN B 250 30.04 25.04 24.14
CA GLN B 250 28.83 24.28 23.93
C GLN B 250 28.98 23.38 22.71
N ASP B 251 28.20 22.31 22.68
CA ASP B 251 28.42 21.21 21.76
C ASP B 251 27.52 21.22 20.49
N GLY B 252 26.63 22.21 20.37
CA GLY B 252 25.84 22.34 19.16
C GLY B 252 26.62 23.02 18.05
N TYR B 253 26.08 22.95 16.82
CA TYR B 253 26.65 23.60 15.64
C TYR B 253 25.67 23.55 14.47
N THR B 254 25.98 24.31 13.41
CA THR B 254 25.12 24.41 12.23
C THR B 254 25.38 23.25 11.27
N LEU B 255 24.68 23.27 10.12
CA LEU B 255 24.94 22.38 9.00
C LEU B 255 26.35 22.59 8.49
N GLY B 256 26.95 21.53 7.92
CA GLY B 256 28.35 21.55 7.54
C GLY B 256 28.85 21.81 6.12
N TYR B 257 28.58 20.93 5.16
CA TYR B 257 29.26 20.96 3.85
C TYR B 257 30.73 20.57 3.96
N LEU B 258 31.10 19.51 3.24
CA LEU B 258 32.44 18.96 3.27
C LEU B 258 33.49 19.89 2.68
N GLU B 259 34.55 20.11 3.44
CA GLU B 259 35.70 20.93 3.05
C GLU B 259 36.90 20.10 2.61
N ASN B 260 37.16 18.95 3.24
CA ASN B 260 38.25 18.11 2.77
C ASN B 260 38.17 16.75 3.43
N PHE B 261 38.91 15.79 2.86
CA PHE B 261 39.16 14.51 3.48
C PHE B 261 40.60 14.54 3.95
N ARG B 262 40.90 13.79 5.00
CA ARG B 262 42.27 13.66 5.45
C ARG B 262 42.47 12.20 5.78
N ILE B 263 43.49 11.58 5.18
CA ILE B 263 43.84 10.20 5.45
C ILE B 263 45.22 10.14 6.08
N ASP B 264 45.41 9.20 6.98
CA ASP B 264 46.65 9.00 7.73
C ASP B 264 47.21 7.62 7.41
N GLN B 265 48.40 7.34 7.94
CA GLN B 265 48.76 5.94 8.05
C GLN B 265 47.60 5.27 8.76
N SER B 266 47.37 3.99 8.45
CA SER B 266 46.14 3.31 8.87
C SER B 266 45.02 4.03 8.13
N GLY B 267 44.64 3.53 6.96
CA GLY B 267 43.80 4.32 6.09
C GLY B 267 42.43 4.65 6.64
N ILE B 268 42.41 5.37 7.77
CA ILE B 268 41.17 5.81 8.39
C ILE B 268 40.87 7.23 7.86
N ILE B 269 39.82 7.34 7.05
CA ILE B 269 39.47 8.58 6.35
C ILE B 269 38.56 9.46 7.18
N THR B 270 38.99 10.70 7.41
CA THR B 270 38.17 11.69 8.09
C THR B 270 37.79 12.81 7.13
N GLY B 271 36.57 13.30 7.23
CA GLY B 271 36.17 14.51 6.55
C GLY B 271 36.07 15.64 7.55
N VAL B 272 36.58 16.80 7.16
CA VAL B 272 36.47 18.03 7.95
C VAL B 272 35.41 18.92 7.29
N TYR B 273 34.51 19.49 8.09
CA TYR B 273 33.39 20.22 7.53
C TYR B 273 33.46 21.71 7.85
N SER B 274 32.62 22.50 7.18
CA SER B 274 32.65 23.95 7.30
C SER B 274 32.18 24.47 8.66
N ASN B 275 31.48 23.66 9.46
CA ASN B 275 31.23 24.05 10.84
C ASN B 275 32.26 23.46 11.77
N GLY B 276 33.41 23.09 11.21
CA GLY B 276 34.57 22.60 11.93
C GLY B 276 34.34 21.41 12.84
N VAL B 277 33.51 20.45 12.39
CA VAL B 277 33.13 19.35 13.28
C VAL B 277 34.01 18.13 13.10
N ARG B 278 34.42 17.81 11.87
CA ARG B 278 35.36 16.68 11.72
C ARG B 278 34.79 15.35 12.21
N GLN B 279 34.18 14.59 11.30
CA GLN B 279 33.62 13.27 11.53
C GLN B 279 34.36 12.22 10.69
N GLU B 280 34.32 10.96 11.12
CA GLU B 280 34.98 9.91 10.36
C GLU B 280 34.10 9.46 9.19
N ILE B 281 34.77 8.86 8.20
CA ILE B 281 34.13 8.42 6.95
C ILE B 281 34.27 6.92 6.76
N GLY B 282 35.49 6.39 6.85
CA GLY B 282 35.64 4.98 6.64
C GLY B 282 37.09 4.57 6.78
N GLN B 283 37.34 3.30 6.50
CA GLN B 283 38.67 2.71 6.55
C GLN B 283 39.12 2.36 5.13
N ILE B 284 40.44 2.28 4.94
CA ILE B 284 40.99 2.03 3.61
C ILE B 284 41.16 0.54 3.28
N ALA C 1 23.71 7.65 -23.55
CA ALA C 1 23.92 8.90 -24.27
C ALA C 1 22.99 10.00 -23.74
N LYS C 2 21.75 10.00 -24.23
CA LYS C 2 20.77 11.03 -23.87
C LYS C 2 19.38 10.39 -23.91
N ALA C 3 18.89 9.94 -22.75
CA ALA C 3 17.46 9.69 -22.56
C ALA C 3 17.18 9.80 -21.06
N THR C 4 16.54 10.90 -20.65
CA THR C 4 16.48 11.26 -19.22
C THR C 4 15.56 10.33 -18.43
N THR C 5 16.13 9.71 -17.40
CA THR C 5 15.39 8.81 -16.54
C THR C 5 15.00 9.47 -15.22
N SER C 6 15.93 10.18 -14.58
CA SER C 6 15.61 10.89 -13.36
C SER C 6 16.66 11.94 -13.03
N VAL C 7 16.23 12.92 -12.25
CA VAL C 7 17.05 14.08 -11.90
C VAL C 7 17.12 14.11 -10.39
N ASN C 8 18.31 13.89 -9.84
CA ASN C 8 18.51 13.86 -8.39
C ASN C 8 18.78 15.26 -7.85
N TYR C 9 18.10 15.61 -6.77
CA TYR C 9 18.24 16.90 -6.12
C TYR C 9 18.83 16.74 -4.71
N ALA C 10 19.57 17.76 -4.27
CA ALA C 10 20.16 17.78 -2.92
C ALA C 10 20.40 19.21 -2.46
N DAL C 11 21.04 19.37 -1.31
CA DAL C 11 21.36 20.72 -0.82
CB DAL C 11 22.62 20.71 -0.02
C DAL C 11 20.24 21.21 0.06
O DAL C 11 19.32 20.46 0.35
N ASN C 12 20.33 22.47 0.44
CA ASN C 12 19.45 22.99 1.46
C ASN C 12 18.58 24.19 1.03
N LEU C 13 17.38 24.26 1.58
CA LEU C 13 16.53 25.44 1.52
C LEU C 13 16.51 26.08 2.90
N ASP C 14 16.59 27.40 2.92
CA ASP C 14 16.77 28.16 4.15
C ASP C 14 15.47 28.19 4.96
N LYS C 15 15.52 27.70 6.21
CA LYS C 15 14.35 27.76 7.09
C LYS C 15 13.94 29.19 7.40
N ARG C 16 14.90 30.13 7.34
CA ARG C 16 14.71 31.51 7.73
C ARG C 16 14.09 32.38 6.64
N LEU C 17 13.80 31.84 5.47
CA LEU C 17 13.25 32.66 4.40
C LEU C 17 11.83 33.09 4.76
N PRO C 18 11.46 34.36 4.52
CA PRO C 18 10.15 34.86 4.92
C PRO C 18 9.11 34.35 3.93
N GLU C 19 7.86 34.66 4.23
CA GLU C 19 6.79 34.17 3.39
C GLU C 19 6.71 35.04 2.14
N LEU C 20 5.70 35.89 1.98
CA LEU C 20 5.61 36.69 0.75
C LEU C 20 5.45 38.18 1.00
N GLY C 23 -0.54 40.16 1.96
CA GLY C 23 0.90 39.95 1.92
C GLY C 23 1.56 40.23 0.58
N ALA C 24 0.76 40.22 -0.50
CA ALA C 24 1.27 40.37 -1.86
C ALA C 24 1.61 41.83 -2.16
N ASN C 25 2.51 42.01 -3.15
CA ASN C 25 3.00 43.31 -3.62
C ASN C 25 4.25 43.17 -4.47
N ARG C 26 5.27 43.97 -4.12
CA ARG C 26 6.49 44.32 -4.87
C ARG C 26 7.20 43.19 -5.59
N ALA C 27 8.21 43.55 -6.38
CA ALA C 27 9.10 42.61 -7.05
C ALA C 27 10.12 42.03 -6.07
N GLN C 28 9.74 41.98 -4.77
CA GLN C 28 10.44 41.22 -3.75
C GLN C 28 10.06 39.75 -3.80
N ILE C 29 9.32 39.36 -4.84
CA ILE C 29 9.13 37.96 -5.15
C ILE C 29 10.49 37.31 -5.33
N LEU C 30 11.47 38.10 -5.79
CA LEU C 30 12.84 37.64 -5.95
C LEU C 30 13.52 37.30 -4.63
N GLU C 31 13.15 38.00 -3.54
CA GLU C 31 13.78 37.80 -2.24
C GLU C 31 13.23 36.60 -1.46
N SER C 32 12.03 36.11 -1.76
CA SER C 32 11.48 34.97 -1.03
C SER C 32 11.12 33.80 -1.96
N THR C 33 11.87 33.62 -3.03
CA THR C 33 11.74 32.48 -3.90
C THR C 33 13.16 31.99 -4.20
N TRP C 34 13.43 30.73 -3.95
CA TRP C 34 14.67 30.15 -4.38
C TRP C 34 14.41 29.42 -5.70
N SER C 35 15.13 29.80 -6.75
CA SER C 35 14.94 29.19 -8.05
C SER C 35 16.19 28.43 -8.47
N THR C 36 15.99 27.38 -9.24
CA THR C 36 17.16 26.73 -9.81
C THR C 36 16.79 26.03 -11.12
N GLU C 37 17.60 26.26 -12.14
CA GLU C 37 17.36 25.78 -13.49
C GLU C 37 18.40 24.72 -13.81
N PHE C 38 17.93 23.63 -14.37
CA PHE C 38 18.76 22.51 -14.73
C PHE C 38 18.28 22.05 -16.09
N LYS C 39 19.16 21.43 -16.87
CA LYS C 39 18.79 21.05 -18.22
C LYS C 39 18.74 19.53 -18.36
N VAL C 40 17.72 19.05 -19.08
CA VAL C 40 17.38 17.64 -19.18
C VAL C 40 17.05 17.31 -20.63
N TYR C 41 17.06 16.01 -20.99
CA TYR C 41 17.04 15.61 -22.40
C TYR C 41 15.92 14.61 -22.71
N ASP C 42 15.48 14.65 -23.99
CA ASP C 42 14.35 13.92 -24.54
C ASP C 42 14.76 12.64 -25.26
N SER C 43 13.81 12.05 -25.99
CA SER C 43 14.05 10.85 -26.79
C SER C 43 15.05 11.11 -27.92
N PHE C 44 14.88 12.22 -28.65
CA PHE C 44 15.74 12.44 -29.80
C PHE C 44 17.13 12.89 -29.37
N GLY C 45 17.20 13.83 -28.41
CA GLY C 45 18.47 14.31 -27.91
C GLY C 45 18.53 15.82 -27.70
N GLU C 46 17.40 16.49 -27.70
CA GLU C 46 17.38 17.93 -27.56
C GLU C 46 17.24 18.32 -26.08
N ALA C 47 17.72 19.52 -25.77
CA ALA C 47 17.87 19.99 -24.39
C ALA C 47 16.71 20.89 -23.99
N HIS C 48 16.05 20.55 -22.87
CA HIS C 48 15.04 21.40 -22.29
C HIS C 48 15.49 21.82 -20.90
N GLU C 49 15.02 22.98 -20.46
CA GLU C 49 15.42 23.55 -19.19
C GLU C 49 14.32 23.30 -18.17
N LEU C 50 14.70 22.77 -17.00
CA LEU C 50 13.79 22.40 -15.92
C LEU C 50 13.99 23.36 -14.78
N GLN C 51 12.96 24.13 -14.47
CA GLN C 51 13.02 25.14 -13.44
C GLN C 51 12.07 24.73 -12.33
N ILE C 52 12.57 24.75 -11.10
CA ILE C 52 11.74 24.51 -9.93
C ILE C 52 11.90 25.70 -9.02
N ASP C 53 10.79 26.34 -8.70
CA ASP C 53 10.78 27.48 -7.80
C ASP C 53 10.29 26.99 -6.45
N PHE C 54 11.10 27.22 -5.43
CA PHE C 54 10.75 26.89 -4.07
C PHE C 54 10.36 28.18 -3.38
N ALA C 55 9.19 28.19 -2.76
CA ALA C 55 8.77 29.34 -1.99
C ALA C 55 8.00 28.83 -0.80
N ARG C 56 8.22 29.48 0.33
CA ARG C 56 7.63 29.03 1.57
C ARG C 56 6.12 29.19 1.52
N VAL C 57 5.43 28.17 2.00
CA VAL C 57 3.96 28.13 2.07
C VAL C 57 3.49 29.06 3.18
N PRO C 58 2.54 29.96 2.93
CA PRO C 58 2.05 30.82 4.03
C PRO C 58 1.15 30.03 4.97
N GLY C 59 1.34 30.25 6.27
CA GLY C 59 0.48 29.65 7.27
C GLY C 59 0.96 28.35 7.86
N GLU C 60 1.96 27.70 7.26
CA GLU C 60 2.55 26.47 7.79
C GLU C 60 4.07 26.58 7.82
N VAL C 61 4.69 26.34 8.97
CA VAL C 61 6.14 26.38 9.02
C VAL C 61 6.71 25.11 8.38
N ASN C 62 7.94 25.21 7.89
CA ASN C 62 8.70 24.06 7.40
C ASN C 62 8.03 23.42 6.19
N ALA C 63 7.27 24.19 5.43
CA ALA C 63 6.55 23.66 4.29
C ALA C 63 6.80 24.56 3.10
N TRP C 64 7.14 23.96 1.97
CA TRP C 64 7.52 24.68 0.78
C TRP C 64 6.64 24.27 -0.39
N ARG C 65 6.24 25.27 -1.20
CA ARG C 65 5.54 25.05 -2.46
C ARG C 65 6.56 25.01 -3.59
N ALA C 66 6.53 23.94 -4.36
CA ALA C 66 7.49 23.78 -5.45
C ALA C 66 6.71 23.87 -6.75
N THR C 67 6.91 24.99 -7.46
CA THR C 67 6.27 25.26 -8.74
C THR C 67 7.23 24.81 -9.82
N VAL C 68 6.80 23.87 -10.64
CA VAL C 68 7.67 23.31 -11.66
C VAL C 68 7.15 23.74 -13.04
N ASN C 69 8.07 24.26 -13.85
CA ASN C 69 7.76 24.75 -15.19
C ASN C 69 8.98 24.42 -16.02
N VAL C 70 8.90 23.36 -16.81
CA VAL C 70 10.01 23.08 -17.71
C VAL C 70 9.88 23.98 -18.94
N ASP C 71 10.97 24.64 -19.29
CA ASP C 71 11.02 25.67 -20.32
C ASP C 71 10.01 26.77 -20.04
N PRO C 72 10.23 27.63 -19.04
CA PRO C 72 9.28 28.73 -18.81
C PRO C 72 9.20 29.66 -19.99
N THR C 73 10.24 29.62 -20.83
CA THR C 73 10.30 30.41 -22.06
C THR C 73 9.05 30.25 -22.95
N ASN C 74 8.46 29.06 -23.00
CA ASN C 74 7.42 28.79 -24.01
C ASN C 74 6.01 29.11 -23.52
N ALA C 75 5.66 28.70 -22.29
CA ALA C 75 4.36 28.92 -21.64
C ALA C 75 3.25 28.02 -22.21
N ASP C 76 3.49 27.41 -23.36
CA ASP C 76 2.62 26.35 -23.89
C ASP C 76 3.23 24.98 -23.66
N ALA C 77 4.29 24.90 -22.86
CA ALA C 77 5.05 23.67 -22.64
C ALA C 77 4.26 22.65 -21.85
N THR C 78 3.22 22.07 -22.45
CA THR C 78 2.32 21.12 -21.81
C THR C 78 1.49 21.70 -20.69
N ALA C 79 1.77 22.96 -20.35
CA ALA C 79 1.25 23.61 -19.16
C ALA C 79 1.78 22.85 -17.95
N THR C 80 2.64 21.86 -18.20
CA THR C 80 3.43 21.13 -17.21
C THR C 80 2.70 20.75 -15.91
N ARG C 81 2.62 19.47 -15.57
CA ARG C 81 2.05 19.14 -14.27
C ARG C 81 2.85 18.05 -13.55
N VAL C 82 2.82 18.12 -12.22
CA VAL C 82 3.71 17.36 -11.35
C VAL C 82 2.86 16.58 -10.35
N GLY C 83 3.19 15.32 -10.12
CA GLY C 83 2.40 14.58 -9.14
C GLY C 83 3.06 13.32 -8.64
N ILE C 84 2.56 12.84 -7.50
CA ILE C 84 3.05 11.61 -6.88
C ILE C 84 2.41 10.42 -7.57
N GLY C 85 3.25 9.59 -8.21
CA GLY C 85 2.79 8.45 -8.97
C GLY C 85 2.11 8.82 -10.27
N THR C 86 0.83 9.20 -10.23
CA THR C 86 0.11 9.62 -11.43
C THR C 86 0.57 11.03 -11.84
N THR C 87 0.07 11.49 -13.00
CA THR C 87 0.30 12.85 -13.48
C THR C 87 -0.95 13.45 -14.10
N ASP C 88 -2.10 12.79 -13.97
CA ASP C 88 -3.38 13.32 -14.43
C ASP C 88 -4.26 13.81 -13.28
N GLY C 89 -4.88 14.96 -13.50
CA GLY C 89 -5.74 15.55 -12.50
C GLY C 89 -4.99 16.36 -11.47
N VAL C 90 -3.85 16.91 -11.87
CA VAL C 90 -2.97 17.62 -10.97
C VAL C 90 -2.38 18.82 -11.71
N GLN C 91 -2.03 19.88 -10.96
CA GLN C 91 -1.46 21.09 -11.57
C GLN C 91 0.07 21.00 -11.67
N ASN C 92 0.78 22.15 -11.64
CA ASN C 92 2.24 22.18 -11.74
C ASN C 92 2.95 22.53 -10.42
N SER C 93 2.31 22.29 -9.27
CA SER C 93 2.87 22.65 -7.98
C SER C 93 2.82 21.41 -7.10
N PHE C 94 3.77 21.31 -6.18
CA PHE C 94 3.64 20.32 -5.11
C PHE C 94 4.27 20.87 -3.83
N ILE C 95 3.73 20.43 -2.69
CA ILE C 95 4.08 20.93 -1.37
C ILE C 95 4.93 19.87 -0.67
N VAL C 96 6.16 20.26 -0.29
CA VAL C 96 7.15 19.41 0.36
C VAL C 96 7.34 19.87 1.80
N ARG C 97 7.36 18.90 2.73
CA ARG C 97 7.38 19.18 4.15
C ARG C 97 8.62 18.58 4.81
N PHE C 98 9.13 19.25 5.86
CA PHE C 98 10.30 18.79 6.60
C PHE C 98 10.01 18.67 8.08
N ASP C 99 10.78 17.84 8.78
CA ASP C 99 10.61 17.64 10.22
C ASP C 99 11.57 18.53 10.99
N ASN C 100 11.45 18.49 12.32
CA ASN C 100 12.18 19.39 13.20
C ASN C 100 13.66 19.11 13.23
N ASN C 101 14.12 18.08 12.53
CA ASN C 101 15.54 17.82 12.38
C ASN C 101 16.08 18.36 11.06
N GLY C 102 15.27 19.14 10.35
CA GLY C 102 15.60 19.63 9.03
C GLY C 102 15.55 18.62 7.91
N HIS C 103 15.08 17.41 8.16
CA HIS C 103 15.13 16.37 7.15
C HIS C 103 13.79 16.25 6.44
N LEU C 104 13.86 15.85 5.17
CA LEU C 104 12.71 15.67 4.31
C LEU C 104 11.70 14.70 4.90
N ALA C 105 10.43 15.05 4.82
CA ALA C 105 9.42 14.23 5.49
C ALA C 105 8.36 13.70 4.53
N SER C 106 7.80 14.54 3.66
CA SER C 106 6.67 14.12 2.84
C SER C 106 6.60 15.00 1.59
N VAL C 107 6.00 14.45 0.53
CA VAL C 107 5.60 15.23 -0.63
C VAL C 107 4.14 14.97 -0.93
N THR C 108 3.38 16.04 -1.27
CA THR C 108 1.96 15.99 -1.63
C THR C 108 1.69 16.90 -2.82
N ASP C 109 0.88 16.43 -3.77
CA ASP C 109 0.55 17.24 -4.95
C ASP C 109 -0.88 17.77 -4.89
N THR C 110 -1.20 18.60 -5.88
CA THR C 110 -2.50 19.27 -6.04
C THR C 110 -3.65 18.26 -6.08
N ALA C 111 -3.34 16.96 -6.22
CA ALA C 111 -4.37 15.91 -6.21
C ALA C 111 -4.71 15.44 -4.79
N GLY C 112 -3.71 15.20 -3.94
CA GLY C 112 -3.91 14.58 -2.65
C GLY C 112 -3.09 13.32 -2.42
N ASN C 113 -2.43 12.79 -3.45
CA ASN C 113 -1.33 11.84 -3.25
C ASN C 113 -0.24 12.38 -2.33
N VAL C 114 0.12 11.57 -1.34
CA VAL C 114 1.30 11.81 -0.52
C VAL C 114 2.22 10.60 -0.65
N THR C 115 3.52 10.85 -0.44
CA THR C 115 4.54 9.81 -0.43
C THR C 115 4.29 8.86 0.74
N SER C 116 4.82 7.64 0.63
CA SER C 116 4.70 6.71 1.73
C SER C 116 5.57 7.19 2.89
N PRO C 117 5.31 6.72 4.11
CA PRO C 117 5.97 7.32 5.29
C PRO C 117 7.50 7.17 5.34
N ALA C 118 8.08 6.31 4.52
CA ALA C 118 9.52 6.10 4.53
C ALA C 118 9.97 5.87 3.11
N GLY C 119 11.26 5.61 2.96
CA GLY C 119 11.79 5.25 1.66
C GLY C 119 12.08 6.47 0.80
N GLN C 120 12.53 6.18 -0.41
CA GLN C 120 12.88 7.23 -1.36
C GLN C 120 11.63 7.97 -1.83
N VAL C 121 11.80 9.25 -2.16
CA VAL C 121 10.71 10.10 -2.61
C VAL C 121 10.97 10.54 -4.04
N LEU C 122 10.09 10.13 -4.96
CA LEU C 122 10.16 10.49 -6.36
C LEU C 122 8.85 11.19 -6.72
N VAL C 123 8.97 12.20 -7.57
CA VAL C 123 7.86 12.95 -8.12
C VAL C 123 8.01 12.88 -9.64
N GLN C 124 6.89 12.82 -10.37
CA GLN C 124 6.91 12.71 -11.81
C GLN C 124 6.50 14.02 -12.47
N ILE C 125 7.11 14.33 -13.62
CA ILE C 125 7.08 15.68 -14.21
C ILE C 125 6.71 15.61 -15.69
N SER C 126 5.51 16.09 -16.02
CA SER C 126 4.86 16.25 -17.35
C SER C 126 5.64 16.48 -18.64
N TYR C 127 5.56 17.74 -19.09
CA TYR C 127 5.92 18.30 -20.39
C TYR C 127 5.94 17.42 -21.64
N ASN C 128 5.19 17.90 -22.64
CA ASN C 128 5.19 17.45 -24.03
C ASN C 128 6.06 18.40 -24.84
N VAL C 129 6.98 17.85 -25.63
CA VAL C 129 7.93 18.65 -26.41
C VAL C 129 7.31 18.98 -27.77
N VAL C 130 7.52 20.22 -28.21
CA VAL C 130 6.93 20.76 -29.43
C VAL C 130 7.51 20.16 -30.72
N GLY C 131 7.73 18.84 -30.73
CA GLY C 131 8.35 18.19 -31.86
C GLY C 131 7.77 16.80 -32.11
N ALA C 132 7.17 16.59 -33.29
CA ALA C 132 6.48 15.35 -33.67
C ALA C 132 5.28 15.07 -32.76
N ASN C 133 4.28 14.33 -33.26
CA ASN C 133 3.01 14.22 -32.54
C ASN C 133 2.20 12.96 -32.87
N PRO C 134 2.55 11.77 -32.34
CA PRO C 134 1.79 10.56 -32.67
C PRO C 134 0.82 10.12 -31.56
N ASP C 135 -0.21 10.94 -31.30
CA ASP C 135 -1.06 10.76 -30.12
C ASP C 135 -2.33 9.92 -30.36
N GLU C 136 -2.80 9.78 -31.59
CA GLU C 136 -4.13 9.32 -32.00
C GLU C 136 -5.21 10.40 -31.84
N ALA C 137 -4.94 11.49 -31.12
CA ALA C 137 -5.88 12.59 -30.93
C ALA C 137 -5.11 13.78 -30.36
N GLY C 138 -5.77 14.94 -30.29
CA GLY C 138 -5.15 16.11 -29.67
C GLY C 138 -3.98 16.65 -30.48
N ALA C 139 -2.91 17.04 -29.78
CA ALA C 139 -1.72 17.50 -30.49
C ALA C 139 -0.40 17.10 -29.81
N PRO C 140 -0.07 17.60 -28.61
CA PRO C 140 1.28 17.33 -28.07
C PRO C 140 1.48 15.90 -27.58
N THR C 141 2.73 15.41 -27.74
CA THR C 141 3.13 14.08 -27.31
C THR C 141 3.94 14.15 -26.02
N ARG C 142 3.66 13.22 -25.10
CA ARG C 142 4.07 13.31 -23.69
C ARG C 142 5.57 13.29 -23.41
N HIS C 143 6.18 12.12 -23.18
CA HIS C 143 7.58 12.00 -22.72
C HIS C 143 7.72 12.55 -21.29
N THR C 144 7.85 11.70 -20.29
CA THR C 144 7.92 12.29 -18.95
C THR C 144 8.75 11.41 -18.03
N PHE C 145 9.30 12.05 -16.98
CA PHE C 145 10.43 11.49 -16.25
C PHE C 145 10.15 11.54 -14.73
N ASP C 146 11.23 11.44 -13.94
CA ASP C 146 11.21 11.38 -12.47
C ASP C 146 12.20 12.37 -11.87
N VAL C 147 11.81 13.01 -10.77
CA VAL C 147 12.73 13.80 -9.95
C VAL C 147 12.86 13.10 -8.61
N ASN C 148 14.11 12.92 -8.16
CA ASN C 148 14.42 12.17 -6.95
C ASN C 148 14.80 13.19 -5.88
N LEU C 149 13.87 13.41 -4.94
CA LEU C 149 14.09 14.37 -3.86
C LEU C 149 14.95 13.81 -2.73
N GLY C 150 15.27 12.50 -2.76
CA GLY C 150 16.11 11.89 -1.75
C GLY C 150 15.37 10.83 -0.95
N GLU C 151 15.98 10.46 0.18
CA GLU C 151 15.43 9.49 1.10
C GLU C 151 14.89 10.22 2.32
N ILE C 152 13.77 9.75 2.85
CA ILE C 152 13.15 10.43 3.96
C ILE C 152 13.99 10.31 5.22
N GLY C 153 13.88 11.30 6.10
CA GLY C 153 14.51 11.18 7.40
C GLY C 153 16.01 11.30 7.39
N THR C 154 16.62 11.60 6.26
CA THR C 154 18.06 11.67 6.22
C THR C 154 18.48 12.87 5.41
N SER C 155 19.70 13.32 5.67
CA SER C 155 20.25 14.34 4.82
C SER C 155 21.11 13.77 3.71
N LYS C 156 21.49 12.48 3.78
CA LYS C 156 22.44 11.87 2.86
C LYS C 156 21.91 11.89 1.42
N ASN C 157 22.47 12.79 0.59
CA ASN C 157 22.07 12.96 -0.83
C ASN C 157 20.58 13.21 -0.92
N THR C 158 20.07 14.03 -0.02
CA THR C 158 18.66 14.37 0.03
C THR C 158 18.55 15.85 0.27
N ILE C 159 17.42 16.41 -0.15
CA ILE C 159 17.22 17.83 0.08
C ILE C 159 16.93 18.04 1.56
N THR C 160 17.29 19.23 2.08
CA THR C 160 17.26 19.56 3.50
C THR C 160 16.69 20.94 3.72
N GLN C 161 16.20 21.19 4.95
CA GLN C 161 15.78 22.53 5.37
C GLN C 161 16.38 22.91 6.72
N PHE C 162 17.54 23.56 6.71
CA PHE C 162 18.26 24.09 7.86
C PHE C 162 18.27 25.61 7.82
N SER C 163 18.71 26.23 8.92
CA SER C 163 18.81 27.70 8.90
C SER C 163 20.23 28.06 8.48
N ASP C 164 20.38 28.07 7.16
CA ASP C 164 21.62 28.35 6.49
C ASP C 164 21.30 28.95 5.12
N LYS C 165 22.33 29.42 4.41
CA LYS C 165 22.10 29.91 3.06
C LYS C 165 21.42 28.83 2.25
N SER C 166 20.70 29.25 1.21
CA SER C 166 20.01 28.32 0.33
C SER C 166 21.00 27.78 -0.68
N THR C 167 20.88 26.49 -0.98
CA THR C 167 21.86 25.87 -1.84
C THR C 167 21.29 24.75 -2.73
N THR C 168 20.04 24.32 -2.54
CA THR C 168 19.47 23.22 -3.32
C THR C 168 19.64 23.46 -4.82
N LYS C 169 20.15 22.43 -5.50
CA LYS C 169 20.33 22.39 -6.93
C LYS C 169 20.33 20.93 -7.35
N ALA C 170 20.26 20.69 -8.65
CA ALA C 170 20.30 19.32 -9.13
C ALA C 170 21.74 18.86 -9.33
N TYR C 171 21.94 17.58 -9.17
CA TYR C 171 23.19 16.93 -9.48
C TYR C 171 22.83 15.65 -10.23
N GLU C 172 23.73 15.18 -11.09
CA GLU C 172 23.44 14.04 -11.95
C GLU C 172 22.22 14.23 -12.87
N GLN C 173 21.95 13.22 -13.71
CA GLN C 173 20.85 13.21 -14.68
C GLN C 173 20.30 11.80 -14.91
N ALA D 1 -43.42 -39.85 -33.17
CA ALA D 1 -42.55 -40.92 -33.62
C ALA D 1 -41.98 -40.61 -35.01
N LYS D 2 -40.66 -40.47 -35.08
CA LYS D 2 -39.98 -40.13 -36.32
C LYS D 2 -38.56 -40.67 -36.25
N ALA D 3 -37.85 -40.66 -37.38
CA ALA D 3 -36.40 -40.75 -37.33
C ALA D 3 -35.87 -39.57 -36.52
N THR D 4 -35.23 -39.86 -35.38
CA THR D 4 -35.05 -38.82 -34.35
C THR D 4 -34.23 -37.62 -34.80
N THR D 5 -33.49 -37.74 -35.91
CA THR D 5 -32.68 -36.68 -36.52
C THR D 5 -31.77 -35.91 -35.55
N SER D 6 -32.25 -35.53 -34.35
CA SER D 6 -31.31 -34.95 -33.40
C SER D 6 -31.86 -34.99 -31.97
N VAL D 7 -30.90 -35.00 -31.03
CA VAL D 7 -31.09 -35.12 -29.58
C VAL D 7 -30.32 -33.99 -28.90
N ASN D 8 -31.03 -33.08 -28.25
CA ASN D 8 -30.37 -31.96 -27.59
C ASN D 8 -30.00 -32.29 -26.13
N TYR D 9 -28.75 -31.99 -25.75
CA TYR D 9 -28.28 -32.21 -24.39
C TYR D 9 -27.91 -30.88 -23.74
N ALA D 10 -28.21 -30.75 -22.43
CA ALA D 10 -27.98 -29.52 -21.66
C ALA D 10 -27.84 -29.82 -20.16
N DAL D 11 -27.63 -28.79 -19.34
CA DAL D 11 -27.49 -29.03 -17.90
CB DAL D 11 -28.29 -28.01 -17.14
C DAL D 11 -26.02 -29.02 -17.47
O DAL D 11 -25.15 -28.68 -18.29
N ASN D 12 -25.74 -29.39 -16.21
CA ASN D 12 -24.36 -29.30 -15.69
C ASN D 12 -23.70 -30.65 -15.39
N LEU D 13 -22.38 -30.71 -15.56
CA LEU D 13 -21.53 -31.76 -15.02
C LEU D 13 -20.68 -31.20 -13.89
N ASP D 14 -20.55 -31.95 -12.78
CA ASP D 14 -19.84 -31.45 -11.60
C ASP D 14 -18.34 -31.51 -11.83
N LYS D 15 -17.68 -30.36 -11.68
CA LYS D 15 -16.23 -30.29 -11.80
C LYS D 15 -15.55 -31.07 -10.71
N ARG D 16 -16.21 -31.24 -9.57
CA ARG D 16 -15.54 -31.81 -8.42
C ARG D 16 -15.41 -33.33 -8.48
N LEU D 17 -15.90 -33.97 -9.54
CA LEU D 17 -15.77 -35.40 -9.63
C LEU D 17 -14.30 -35.77 -9.82
N PRO D 18 -13.82 -36.80 -9.12
CA PRO D 18 -12.39 -37.16 -9.17
C PRO D 18 -12.05 -37.99 -10.40
N GLU D 19 -10.75 -38.16 -10.62
CA GLU D 19 -10.26 -38.83 -11.82
C GLU D 19 -10.38 -40.35 -11.66
N LEU D 20 -9.77 -41.10 -12.58
CA LEU D 20 -9.82 -42.56 -12.60
C LEU D 20 -8.39 -43.11 -12.57
N PRO D 21 -7.71 -43.03 -11.43
CA PRO D 21 -6.31 -43.48 -11.39
C PRO D 21 -6.25 -45.00 -11.42
N GLU D 22 -5.14 -45.53 -11.96
CA GLU D 22 -4.82 -46.97 -11.96
C GLU D 22 -5.67 -47.79 -12.94
N GLY D 23 -6.51 -47.17 -13.74
CA GLY D 23 -7.58 -47.94 -14.35
C GLY D 23 -8.33 -48.46 -13.14
N ALA D 24 -9.02 -47.54 -12.47
CA ALA D 24 -9.57 -47.85 -11.17
C ALA D 24 -10.66 -48.90 -11.31
N ASN D 25 -10.96 -49.55 -10.21
CA ASN D 25 -11.82 -50.70 -10.30
C ASN D 25 -13.31 -50.31 -10.31
N ARG D 26 -14.19 -51.32 -10.41
CA ARG D 26 -15.62 -51.13 -10.64
C ARG D 26 -16.21 -50.00 -9.80
N ALA D 27 -15.95 -50.03 -8.49
CA ALA D 27 -16.53 -49.06 -7.59
C ALA D 27 -15.93 -47.68 -7.73
N GLN D 28 -14.71 -47.56 -8.24
CA GLN D 28 -14.14 -46.22 -8.42
C GLN D 28 -14.60 -45.55 -9.72
N ILE D 29 -14.75 -46.29 -10.82
CA ILE D 29 -15.25 -45.68 -12.04
C ILE D 29 -16.68 -45.17 -11.85
N LEU D 30 -17.50 -45.91 -11.11
CA LEU D 30 -18.89 -45.46 -10.91
C LEU D 30 -18.92 -44.17 -10.08
N GLU D 31 -17.91 -43.95 -9.26
CA GLU D 31 -17.84 -42.75 -8.45
C GLU D 31 -17.46 -41.55 -9.28
N SER D 32 -16.91 -41.77 -10.47
CA SER D 32 -16.54 -40.68 -11.35
C SER D 32 -17.17 -40.83 -12.72
N THR D 33 -18.36 -41.41 -12.82
CA THR D 33 -19.05 -41.49 -14.08
C THR D 33 -20.47 -41.01 -13.85
N TRP D 34 -20.83 -39.93 -14.56
CA TRP D 34 -22.20 -39.46 -14.63
C TRP D 34 -22.77 -40.01 -15.92
N SER D 35 -23.89 -40.70 -15.80
CA SER D 35 -24.51 -41.28 -16.97
C SER D 35 -25.92 -40.73 -17.11
N THR D 36 -26.35 -40.78 -18.37
CA THR D 36 -27.61 -40.26 -18.85
C THR D 36 -28.17 -41.32 -19.78
N GLU D 37 -29.45 -41.62 -19.62
CA GLU D 37 -30.14 -42.63 -20.40
C GLU D 37 -31.32 -41.99 -21.16
N PHE D 38 -31.45 -42.26 -22.45
CA PHE D 38 -32.52 -41.64 -23.23
C PHE D 38 -33.13 -42.63 -24.22
N LYS D 39 -34.36 -42.34 -24.62
CA LYS D 39 -35.13 -43.18 -25.55
C LYS D 39 -35.27 -42.47 -26.89
N VAL D 40 -35.05 -43.22 -27.96
CA VAL D 40 -35.01 -42.71 -29.33
C VAL D 40 -35.72 -43.67 -30.27
N TYR D 41 -35.95 -43.21 -31.51
CA TYR D 41 -36.72 -43.94 -32.49
C TYR D 41 -35.92 -44.01 -33.79
N ASP D 42 -36.16 -45.06 -34.56
CA ASP D 42 -35.46 -45.22 -35.82
C ASP D 42 -36.36 -44.77 -36.97
N SER D 43 -35.93 -45.05 -38.20
CA SER D 43 -36.76 -44.73 -39.36
C SER D 43 -38.09 -45.49 -39.32
N PHE D 44 -38.06 -46.76 -38.91
CA PHE D 44 -39.26 -47.59 -39.01
C PHE D 44 -40.29 -47.22 -37.93
N GLY D 45 -39.84 -47.10 -36.68
CA GLY D 45 -40.77 -46.80 -35.59
C GLY D 45 -40.46 -47.62 -34.35
N GLU D 46 -39.28 -48.23 -34.33
CA GLU D 46 -38.86 -49.04 -33.20
C GLU D 46 -38.12 -48.15 -32.21
N ALA D 47 -38.23 -48.50 -30.92
CA ALA D 47 -37.72 -47.69 -29.82
C ALA D 47 -36.41 -48.30 -29.34
N HIS D 48 -35.36 -47.49 -29.34
CA HIS D 48 -34.03 -47.86 -28.86
C HIS D 48 -33.56 -46.90 -27.75
N GLU D 49 -32.63 -47.37 -26.93
CA GLU D 49 -32.08 -46.58 -25.84
C GLU D 49 -30.69 -46.06 -26.16
N LEU D 50 -30.48 -44.78 -25.90
CA LEU D 50 -29.25 -44.05 -26.12
C LEU D 50 -28.66 -43.76 -24.74
N GLN D 51 -27.47 -44.27 -24.47
CA GLN D 51 -26.82 -44.07 -23.18
C GLN D 51 -25.49 -43.38 -23.42
N ILE D 52 -25.23 -42.30 -22.69
CA ILE D 52 -23.95 -41.62 -22.75
C ILE D 52 -23.37 -41.54 -21.33
N ASP D 53 -22.15 -42.04 -21.16
CA ASP D 53 -21.45 -42.02 -19.88
C ASP D 53 -20.43 -40.90 -19.92
N PHE D 54 -20.56 -39.95 -19.01
CA PHE D 54 -19.61 -38.85 -18.89
C PHE D 54 -18.69 -39.15 -17.71
N ALA D 55 -17.38 -39.09 -17.94
CA ALA D 55 -16.45 -39.30 -16.85
C ALA D 55 -15.18 -38.50 -17.10
N ARG D 56 -14.63 -37.94 -16.03
CA ARG D 56 -13.45 -37.08 -16.16
C ARG D 56 -12.26 -37.86 -16.69
N VAL D 57 -11.56 -37.27 -17.65
CA VAL D 57 -10.34 -37.93 -18.14
C VAL D 57 -9.24 -37.79 -17.08
N PRO D 58 -8.50 -38.86 -16.76
CA PRO D 58 -7.44 -38.70 -15.76
C PRO D 58 -6.28 -37.91 -16.34
N GLY D 59 -5.74 -36.99 -15.56
CA GLY D 59 -4.56 -36.29 -15.98
C GLY D 59 -4.78 -34.98 -16.67
N GLU D 60 -6.01 -34.68 -17.09
CA GLU D 60 -6.33 -33.39 -17.70
C GLU D 60 -7.57 -32.83 -17.03
N VAL D 61 -7.48 -31.59 -16.54
CA VAL D 61 -8.67 -30.99 -15.91
C VAL D 61 -9.59 -30.43 -16.97
N ASN D 62 -10.88 -30.35 -16.65
CA ASN D 62 -11.87 -29.71 -17.50
C ASN D 62 -12.02 -30.44 -18.83
N ALA D 63 -11.78 -31.75 -18.84
CA ALA D 63 -11.88 -32.55 -20.05
C ALA D 63 -12.63 -33.83 -19.74
N TRP D 64 -13.63 -34.18 -20.54
CA TRP D 64 -14.43 -35.35 -20.20
C TRP D 64 -14.52 -36.34 -21.36
N ARG D 65 -14.41 -37.62 -21.04
CA ARG D 65 -14.64 -38.68 -22.00
C ARG D 65 -16.09 -39.12 -21.94
N ALA D 66 -16.74 -39.10 -23.09
CA ALA D 66 -18.14 -39.50 -23.22
C ALA D 66 -18.17 -40.76 -24.06
N THR D 67 -18.58 -41.88 -23.46
CA THR D 67 -18.77 -43.13 -24.19
C THR D 67 -20.25 -43.32 -24.49
N VAL D 68 -20.57 -43.50 -25.77
CA VAL D 68 -21.94 -43.67 -26.25
C VAL D 68 -22.15 -45.11 -26.71
N ASN D 69 -23.27 -45.70 -26.28
CA ASN D 69 -23.61 -47.09 -26.61
C ASN D 69 -25.14 -47.17 -26.67
N VAL D 70 -25.68 -47.28 -27.88
CA VAL D 70 -27.11 -47.48 -28.08
C VAL D 70 -27.45 -48.95 -27.84
N ASP D 71 -28.46 -49.21 -26.99
CA ASP D 71 -28.79 -50.53 -26.49
C ASP D 71 -27.54 -51.13 -25.84
N PRO D 72 -27.19 -50.67 -24.63
CA PRO D 72 -25.95 -51.15 -24.00
C PRO D 72 -25.96 -52.63 -23.65
N THR D 73 -27.13 -53.24 -23.43
CA THR D 73 -27.18 -54.68 -23.23
C THR D 73 -26.50 -55.40 -24.37
N ASN D 74 -26.61 -54.84 -25.58
CA ASN D 74 -26.11 -55.47 -26.78
C ASN D 74 -24.66 -55.03 -26.96
N ALA D 75 -23.75 -55.85 -26.43
CA ALA D 75 -22.34 -55.64 -26.65
C ALA D 75 -22.07 -55.71 -28.16
N ASP D 76 -20.84 -55.37 -28.54
CA ASP D 76 -20.27 -55.53 -29.88
C ASP D 76 -21.18 -55.09 -31.04
N ALA D 77 -22.41 -55.59 -31.14
CA ALA D 77 -23.28 -55.25 -32.26
C ALA D 77 -23.74 -53.79 -32.14
N THR D 78 -24.50 -53.35 -33.15
CA THR D 78 -24.92 -51.97 -33.37
C THR D 78 -23.69 -51.11 -33.71
N ALA D 79 -22.50 -51.67 -33.54
CA ALA D 79 -21.25 -50.94 -33.74
C ALA D 79 -21.15 -49.74 -32.81
N THR D 80 -21.89 -48.68 -33.14
CA THR D 80 -22.05 -47.44 -32.37
C THR D 80 -20.78 -46.62 -32.44
N ARG D 81 -20.75 -45.60 -33.31
CA ARG D 81 -19.60 -44.70 -33.38
C ARG D 81 -20.08 -43.25 -33.52
N VAL D 82 -19.24 -42.34 -33.05
CA VAL D 82 -19.54 -40.92 -32.92
C VAL D 82 -18.38 -40.14 -33.52
N GLY D 83 -18.66 -39.07 -34.28
CA GLY D 83 -17.46 -38.44 -34.78
C GLY D 83 -17.41 -37.07 -35.41
N ILE D 84 -18.31 -36.13 -35.04
CA ILE D 84 -18.29 -34.77 -35.56
C ILE D 84 -18.59 -34.74 -37.06
N GLY D 85 -17.55 -34.84 -37.88
CA GLY D 85 -17.72 -34.85 -39.32
C GLY D 85 -17.75 -36.26 -39.85
N THR D 86 -16.58 -36.89 -39.85
CA THR D 86 -16.36 -38.24 -40.37
C THR D 86 -17.13 -39.24 -39.52
N THR D 87 -17.26 -40.51 -40.03
CA THR D 87 -17.75 -41.58 -39.14
C THR D 87 -17.23 -43.02 -39.38
N ASP D 88 -16.33 -43.31 -40.33
CA ASP D 88 -15.70 -44.62 -40.11
C ASP D 88 -14.30 -44.58 -39.52
N GLY D 89 -13.61 -43.44 -39.53
CA GLY D 89 -12.31 -43.49 -38.89
C GLY D 89 -12.39 -43.23 -37.39
N VAL D 90 -13.51 -43.59 -36.71
CA VAL D 90 -13.70 -43.24 -35.31
C VAL D 90 -14.36 -44.37 -34.51
N GLN D 91 -14.14 -44.34 -33.18
CA GLN D 91 -14.69 -45.26 -32.19
C GLN D 91 -16.03 -44.78 -31.63
N ASN D 92 -16.38 -45.14 -30.39
CA ASN D 92 -17.63 -44.74 -29.75
C ASN D 92 -17.43 -43.69 -28.64
N SER D 93 -16.33 -42.94 -28.68
CA SER D 93 -16.00 -41.97 -27.65
C SER D 93 -15.65 -40.62 -28.25
N PHE D 94 -15.96 -39.56 -27.49
CA PHE D 94 -15.42 -38.23 -27.77
C PHE D 94 -15.09 -37.51 -26.46
N ILE D 95 -14.10 -36.62 -26.53
CA ILE D 95 -13.54 -35.92 -25.39
C ILE D 95 -13.97 -34.46 -25.48
N VAL D 96 -14.76 -34.01 -24.49
CA VAL D 96 -15.31 -32.66 -24.45
C VAL D 96 -14.53 -31.85 -23.42
N ARG D 97 -14.20 -30.62 -23.78
CA ARG D 97 -13.36 -29.75 -22.99
C ARG D 97 -14.16 -28.51 -22.63
N PHE D 98 -13.86 -27.89 -21.49
CA PHE D 98 -14.59 -26.70 -21.07
C PHE D 98 -13.58 -25.60 -20.78
N ASP D 99 -14.04 -24.34 -20.82
CA ASP D 99 -13.16 -23.20 -20.58
C ASP D 99 -13.24 -22.73 -19.12
N ASN D 100 -12.42 -21.74 -18.75
CA ASN D 100 -12.27 -21.37 -17.34
C ASN D 100 -13.52 -20.75 -16.71
N ASN D 101 -14.61 -20.58 -17.46
CA ASN D 101 -15.89 -20.12 -16.94
C ASN D 101 -16.93 -21.23 -16.90
N GLY D 102 -16.54 -22.48 -17.07
CA GLY D 102 -17.52 -23.54 -17.10
C GLY D 102 -18.29 -23.68 -18.39
N HIS D 103 -17.93 -22.95 -19.44
CA HIS D 103 -18.67 -23.00 -20.68
C HIS D 103 -18.00 -23.96 -21.64
N LEU D 104 -18.84 -24.53 -22.52
CA LEU D 104 -18.38 -25.46 -23.53
C LEU D 104 -17.34 -24.80 -24.41
N ALA D 105 -16.31 -25.56 -24.77
CA ALA D 105 -15.13 -25.06 -25.46
C ALA D 105 -14.79 -25.84 -26.73
N SER D 106 -14.85 -27.17 -26.68
CA SER D 106 -14.37 -27.96 -27.79
C SER D 106 -14.94 -29.37 -27.68
N VAL D 107 -15.01 -30.05 -28.82
CA VAL D 107 -15.21 -31.49 -28.86
C VAL D 107 -14.15 -32.04 -29.82
N THR D 108 -13.60 -33.20 -29.48
CA THR D 108 -12.61 -33.90 -30.28
C THR D 108 -12.97 -35.37 -30.24
N ASP D 109 -12.93 -36.09 -31.37
CA ASP D 109 -13.24 -37.51 -31.28
C ASP D 109 -11.96 -38.34 -31.46
N THR D 110 -12.14 -39.64 -31.56
CA THR D 110 -11.01 -40.55 -31.65
C THR D 110 -9.95 -40.17 -32.72
N ALA D 111 -10.13 -39.11 -33.52
CA ALA D 111 -9.19 -39.05 -34.67
C ALA D 111 -8.19 -37.85 -34.66
N GLY D 112 -8.64 -36.63 -34.34
CA GLY D 112 -8.02 -35.30 -34.37
C GLY D 112 -8.91 -34.10 -34.91
N ASN D 113 -10.15 -34.32 -35.43
CA ASN D 113 -10.96 -33.29 -36.10
C ASN D 113 -11.58 -32.55 -34.97
N VAL D 114 -11.39 -31.26 -34.92
CA VAL D 114 -12.05 -30.61 -33.82
C VAL D 114 -13.15 -29.65 -34.26
N THR D 115 -14.10 -29.41 -33.35
CA THR D 115 -15.16 -28.47 -33.64
C THR D 115 -14.55 -27.08 -33.87
N SER D 116 -15.29 -26.25 -34.58
CA SER D 116 -14.85 -24.91 -34.90
C SER D 116 -14.80 -24.08 -33.63
N PRO D 117 -14.04 -22.98 -33.64
CA PRO D 117 -13.92 -22.17 -32.42
C PRO D 117 -15.23 -21.54 -31.95
N ALA D 118 -16.31 -21.59 -32.75
CA ALA D 118 -17.56 -20.97 -32.33
C ALA D 118 -18.72 -21.82 -32.83
N GLY D 119 -19.92 -21.37 -32.50
CA GLY D 119 -21.12 -21.96 -33.03
C GLY D 119 -21.56 -23.23 -32.32
N GLN D 120 -22.67 -23.75 -32.81
CA GLN D 120 -23.27 -24.94 -32.25
C GLN D 120 -22.37 -26.15 -32.48
N VAL D 121 -22.46 -27.08 -31.53
CA VAL D 121 -21.62 -28.27 -31.47
C VAL D 121 -22.48 -29.50 -31.76
N LEU D 122 -22.17 -30.19 -32.84
CA LEU D 122 -22.86 -31.40 -33.26
C LEU D 122 -21.86 -32.53 -33.31
N VAL D 123 -22.27 -33.74 -32.96
CA VAL D 123 -21.25 -34.79 -32.91
C VAL D 123 -21.54 -35.94 -33.85
N GLN D 124 -22.82 -36.30 -34.04
CA GLN D 124 -23.25 -37.37 -34.96
C GLN D 124 -23.01 -38.77 -34.41
N ILE D 125 -24.09 -39.56 -34.32
CA ILE D 125 -24.05 -40.96 -33.85
C ILE D 125 -24.51 -41.90 -34.96
N SER D 126 -24.04 -43.15 -34.92
CA SER D 126 -24.16 -44.05 -36.07
C SER D 126 -24.19 -45.50 -35.60
N TYR D 127 -25.23 -46.22 -35.97
CA TYR D 127 -25.30 -47.58 -35.50
C TYR D 127 -26.09 -48.41 -36.48
N ASN D 128 -25.96 -49.73 -36.34
CA ASN D 128 -26.76 -50.65 -37.11
C ASN D 128 -28.00 -51.02 -36.32
N VAL D 129 -29.17 -50.85 -36.92
CA VAL D 129 -30.41 -51.20 -36.27
C VAL D 129 -30.79 -52.62 -36.66
N VAL D 130 -31.15 -53.44 -35.68
CA VAL D 130 -31.54 -54.82 -35.86
C VAL D 130 -32.63 -55.14 -34.83
N GLY D 131 -33.13 -56.37 -34.86
CA GLY D 131 -34.27 -56.77 -34.09
C GLY D 131 -35.24 -57.49 -35.01
N ALA D 132 -34.68 -58.35 -35.87
CA ALA D 132 -35.40 -59.12 -36.88
C ALA D 132 -36.10 -58.24 -37.91
N ASN D 133 -37.42 -58.07 -37.76
CA ASN D 133 -38.34 -57.39 -38.68
C ASN D 133 -38.45 -58.21 -39.98
N PRO D 134 -39.69 -58.50 -40.44
CA PRO D 134 -39.90 -59.36 -41.63
C PRO D 134 -39.02 -59.10 -42.84
N ASP D 135 -39.23 -57.99 -43.55
CA ASP D 135 -38.56 -57.78 -44.84
C ASP D 135 -37.20 -57.13 -44.58
N GLU D 136 -36.22 -57.52 -45.39
CA GLU D 136 -34.82 -57.36 -45.05
C GLU D 136 -34.33 -55.92 -45.20
N ALA D 137 -33.28 -55.61 -44.43
CA ALA D 137 -32.59 -54.33 -44.52
C ALA D 137 -31.29 -54.44 -45.29
N GLY D 138 -30.67 -55.63 -45.31
CA GLY D 138 -29.52 -55.93 -46.14
C GLY D 138 -28.26 -55.18 -45.75
N ALA D 139 -27.08 -55.83 -45.90
CA ALA D 139 -25.80 -55.19 -45.62
C ALA D 139 -25.78 -54.82 -44.13
N PRO D 140 -24.80 -54.05 -43.63
CA PRO D 140 -24.86 -53.74 -42.19
C PRO D 140 -26.04 -52.85 -41.83
N THR D 141 -26.48 -51.97 -42.74
CA THR D 141 -27.53 -50.94 -42.63
C THR D 141 -27.48 -50.13 -41.33
N ARG D 142 -27.60 -48.82 -41.44
CA ARG D 142 -27.27 -47.94 -40.34
C ARG D 142 -28.34 -46.89 -40.08
N HIS D 143 -28.05 -45.93 -39.19
CA HIS D 143 -29.02 -44.90 -38.81
C HIS D 143 -28.25 -43.76 -38.14
N THR D 144 -27.88 -42.75 -38.91
CA THR D 144 -27.19 -41.61 -38.33
C THR D 144 -28.20 -40.73 -37.57
N PHE D 145 -27.65 -39.94 -36.62
CA PHE D 145 -28.35 -39.51 -35.41
C PHE D 145 -28.30 -38.01 -35.14
N ASP D 146 -27.08 -37.45 -35.02
CA ASP D 146 -26.81 -36.04 -34.67
C ASP D 146 -27.16 -35.70 -33.22
N VAL D 147 -26.16 -35.40 -32.37
CA VAL D 147 -26.40 -35.04 -30.98
C VAL D 147 -25.93 -33.61 -30.74
N ASN D 148 -26.80 -32.80 -30.13
CA ASN D 148 -26.56 -31.37 -29.99
C ASN D 148 -26.16 -31.03 -28.56
N LEU D 149 -24.88 -30.74 -28.37
CA LEU D 149 -24.44 -30.38 -27.04
C LEU D 149 -24.71 -28.93 -26.71
N GLY D 150 -25.08 -28.14 -27.68
CA GLY D 150 -25.30 -26.72 -27.50
C GLY D 150 -24.19 -25.93 -28.19
N GLU D 151 -24.19 -24.65 -27.92
CA GLU D 151 -23.24 -23.74 -28.54
C GLU D 151 -22.17 -23.30 -27.56
N ILE D 152 -20.96 -23.09 -28.08
CA ILE D 152 -19.82 -22.81 -27.24
C ILE D 152 -19.97 -21.46 -26.55
N GLY D 153 -19.27 -21.31 -25.44
CA GLY D 153 -19.18 -20.02 -24.83
C GLY D 153 -20.41 -19.57 -24.11
N THR D 154 -21.44 -20.41 -24.01
CA THR D 154 -22.68 -19.98 -23.39
C THR D 154 -23.25 -21.10 -22.57
N SER D 155 -24.09 -20.73 -21.62
CA SER D 155 -24.84 -21.70 -20.84
C SER D 155 -26.26 -21.91 -21.33
N LYS D 156 -26.79 -21.10 -22.24
CA LYS D 156 -28.18 -21.26 -22.70
C LYS D 156 -28.33 -22.55 -23.49
N ASN D 157 -29.08 -23.52 -22.93
CA ASN D 157 -29.36 -24.78 -23.63
C ASN D 157 -28.07 -25.46 -24.07
N THR D 158 -27.05 -25.39 -23.20
CA THR D 158 -25.74 -25.98 -23.45
C THR D 158 -25.30 -26.69 -22.19
N ILE D 159 -24.44 -27.70 -22.34
CA ILE D 159 -23.88 -28.28 -21.14
C ILE D 159 -22.82 -27.34 -20.58
N THR D 160 -22.61 -27.45 -19.28
CA THR D 160 -21.69 -26.59 -18.55
C THR D 160 -20.95 -27.50 -17.58
N GLN D 161 -19.78 -27.04 -17.13
CA GLN D 161 -19.04 -27.76 -16.10
C GLN D 161 -18.72 -26.75 -15.00
N PHE D 162 -19.64 -26.62 -14.04
CA PHE D 162 -19.48 -25.77 -12.88
C PHE D 162 -19.29 -26.66 -11.64
N SER D 163 -18.95 -26.05 -10.50
CA SER D 163 -18.76 -26.86 -9.28
C SER D 163 -20.09 -26.86 -8.56
N ASP D 164 -20.99 -27.70 -9.06
CA ASP D 164 -22.31 -27.92 -8.50
C ASP D 164 -22.72 -29.32 -8.90
N LYS D 165 -23.86 -29.76 -8.37
CA LYS D 165 -24.35 -31.11 -8.62
C LYS D 165 -24.51 -31.33 -10.12
N SER D 166 -24.40 -32.58 -10.56
CA SER D 166 -24.54 -32.85 -11.98
C SER D 166 -25.99 -32.90 -12.38
N THR D 167 -26.28 -32.34 -13.53
CA THR D 167 -27.66 -32.14 -13.95
C THR D 167 -27.86 -32.47 -15.41
N THR D 168 -26.80 -32.69 -16.18
CA THR D 168 -26.90 -32.97 -17.61
C THR D 168 -27.88 -34.09 -17.88
N LYS D 169 -28.77 -33.85 -18.82
CA LYS D 169 -29.74 -34.83 -19.28
C LYS D 169 -30.11 -34.48 -20.71
N ALA D 170 -30.83 -35.39 -21.36
CA ALA D 170 -31.31 -35.13 -22.70
C ALA D 170 -32.68 -34.47 -22.65
N TYR D 171 -32.96 -33.63 -23.65
CA TYR D 171 -34.32 -33.12 -23.85
C TYR D 171 -34.62 -33.03 -25.35
N GLU D 172 -35.86 -33.34 -25.71
CA GLU D 172 -36.37 -33.26 -27.09
C GLU D 172 -35.50 -33.91 -28.18
#